data_5W7F
#
_entry.id   5W7F
#
_cell.length_a   81.797
_cell.length_b   88.354
_cell.length_c   93.450
_cell.angle_alpha   90.00
_cell.angle_beta   103.01
_cell.angle_gamma   90.00
#
_symmetry.space_group_name_H-M   'P 1 21 1'
#
loop_
_entity.id
_entity.type
_entity.pdbx_description
1 polymer 'Acyloxyacyl hydrolase'
2 non-polymer 'CALCIUM ION'
3 non-polymer 2-acetamido-2-deoxy-beta-D-glucopyranose
4 non-polymer '3-HYDROXY-TETRADECANOIC ACID'
5 non-polymer 'LAURIC ACID'
6 non-polymer 2-amino-2-deoxy-beta-D-glucopyranose
7 water water
#
_entity_poly.entity_id   1
_entity_poly.type   'polypeptide(L)'
_entity_poly.pdbx_seq_one_letter_code
;DRHHHHHHKLSVPSEDQPGDSYSHGQSCLGCVVLVSVIEQLAEVHNSSVQVAMERLCSYLPEKLFLKTACYFLVQTFGSD
IIKLLDEAMKADVVCYALEFCKRGAVQPQCHLYPLPQEAWESALEKARQVLRRSSTMKYRRSGRNICSLPFLTKICQKIE
LSIKKAVPFKDVDSDKHSVFPTLRGYHWRGRDCNDSDKTVYPGRRPDNWDIHQDSNCNGIWGIDPKDGIPYEKKFCEGSQ
PRGIILLGDAAGAHFHIPPEWLTASQMSVNSFLNLPSALTDELNWPQLSGVTGFLDSTSGIEEKSIYHRLRKRNHCNHRD
YQSISKNGASSRNLKNFIESLSRNQASDHPAIVLYAMIGNDVCNSKADTVPEMTTPEQMYANVMQTLTHLNSHLPNGSHV
ILYGLPDGTFLWDSLHNRYHPLGQLNKDVTYAQFFSFLRCLQLNPCNGWMSSNKTLRTLTSERAEQLSNTLKKIATTETF
ANFDLFYVDFAFHEIIEDWQKRGGQPWQLIEPVDGFHPNEVASLLQANRVWEKIQLQWPHVLGKENPFNSQIEEVFGDQG
GH
;
_entity_poly.pdbx_strand_id   A,B
#
# COMPACT_ATOMS: atom_id res chain seq x y z
N SER A 23 14.65 14.14 -19.93
CA SER A 23 14.17 13.78 -18.59
C SER A 23 14.95 12.60 -18.03
N HIS A 24 16.19 12.42 -18.52
CA HIS A 24 17.03 11.33 -18.04
C HIS A 24 17.70 11.67 -16.72
N GLY A 25 17.92 12.95 -16.45
CA GLY A 25 18.55 13.37 -15.22
C GLY A 25 17.83 12.87 -13.98
N GLN A 26 16.55 13.20 -13.86
CA GLN A 26 15.82 12.85 -12.65
C GLN A 26 15.77 11.34 -12.44
N SER A 27 15.55 10.58 -13.52
CA SER A 27 15.58 9.13 -13.40
C SER A 27 16.97 8.62 -13.09
N CYS A 28 17.97 9.14 -13.80
CA CYS A 28 19.35 8.73 -13.56
C CYS A 28 19.78 9.00 -12.12
N LEU A 29 19.42 10.18 -11.59
CA LEU A 29 19.74 10.47 -10.20
C LEU A 29 19.04 9.50 -9.27
N GLY A 30 17.73 9.32 -9.44
CA GLY A 30 16.99 8.41 -8.58
C GLY A 30 17.56 7.00 -8.62
N CYS A 31 17.95 6.53 -9.80
CA CYS A 31 18.49 5.18 -9.91
C CYS A 31 19.81 5.06 -9.14
N VAL A 32 20.70 6.03 -9.32
CA VAL A 32 21.99 5.97 -8.64
C VAL A 32 21.81 6.07 -7.13
N VAL A 33 20.81 6.82 -6.68
CA VAL A 33 20.54 6.93 -5.24
C VAL A 33 20.11 5.59 -4.69
N LEU A 34 19.19 4.91 -5.37
CA LEU A 34 18.67 3.64 -4.87
C LEU A 34 19.73 2.56 -4.91
N VAL A 35 20.36 2.35 -6.08
CA VAL A 35 21.41 1.34 -6.19
C VAL A 35 22.51 1.60 -5.19
N SER A 36 22.81 2.86 -4.89
CA SER A 36 23.80 3.18 -3.87
C SER A 36 23.35 2.67 -2.51
N VAL A 37 22.13 3.00 -2.11
CA VAL A 37 21.58 2.48 -0.85
C VAL A 37 21.69 0.97 -0.82
N ILE A 38 21.31 0.32 -1.91
CA ILE A 38 21.34 -1.14 -1.97
C ILE A 38 22.76 -1.64 -1.71
N GLU A 39 23.72 -1.19 -2.51
CA GLU A 39 25.11 -1.60 -2.34
C GLU A 39 25.56 -1.36 -0.90
N GLN A 40 25.17 -0.24 -0.32
CA GLN A 40 25.66 0.12 1.01
C GLN A 40 24.96 -0.66 2.10
N LEU A 41 23.66 -0.95 1.94
CA LEU A 41 22.97 -1.78 2.92
C LEU A 41 23.54 -3.20 2.95
N ALA A 42 23.97 -3.71 1.79
CA ALA A 42 24.63 -5.01 1.77
C ALA A 42 25.92 -4.97 2.56
N GLU A 43 26.68 -3.89 2.43
CA GLU A 43 27.96 -3.79 3.13
C GLU A 43 27.76 -3.57 4.62
N VAL A 44 26.80 -2.73 4.99
CA VAL A 44 26.57 -2.45 6.41
C VAL A 44 26.21 -3.72 7.15
N HIS A 45 25.41 -4.59 6.53
CA HIS A 45 24.93 -5.81 7.17
C HIS A 45 25.67 -7.06 6.71
N ASN A 46 26.72 -6.90 5.90
CA ASN A 46 27.50 -8.03 5.40
C ASN A 46 26.58 -9.07 4.78
N SER A 47 25.55 -8.61 4.08
CA SER A 47 24.56 -9.46 3.47
C SER A 47 24.77 -9.51 1.95
N SER A 48 23.94 -10.30 1.29
CA SER A 48 23.94 -10.36 -0.16
C SER A 48 23.15 -9.20 -0.74
N VAL A 49 23.24 -9.03 -2.06
CA VAL A 49 22.49 -7.97 -2.72
C VAL A 49 21.00 -8.27 -2.66
N GLN A 50 20.63 -9.54 -2.75
CA GLN A 50 19.23 -9.94 -2.58
C GLN A 50 18.73 -9.56 -1.18
N VAL A 51 19.51 -9.91 -0.15
CA VAL A 51 19.09 -9.64 1.22
C VAL A 51 18.94 -8.15 1.46
N ALA A 52 19.78 -7.33 0.82
CA ALA A 52 19.69 -5.89 0.99
C ALA A 52 18.41 -5.33 0.39
N MET A 53 18.06 -5.79 -0.81
CA MET A 53 16.84 -5.30 -1.46
C MET A 53 15.60 -5.68 -0.66
N GLU A 54 15.57 -6.90 -0.13
CA GLU A 54 14.47 -7.28 0.75
C GLU A 54 14.47 -6.43 2.02
N ARG A 55 15.65 -6.09 2.53
CA ARG A 55 15.75 -5.26 3.72
C ARG A 55 15.34 -3.81 3.43
N LEU A 56 15.67 -3.32 2.23
CA LEU A 56 15.29 -1.95 1.88
C LEU A 56 13.78 -1.79 1.89
N CYS A 57 13.08 -2.63 1.12
CA CYS A 57 11.63 -2.58 1.09
C CYS A 57 11.05 -2.78 2.48
N SER A 58 11.69 -3.65 3.28
CA SER A 58 11.25 -3.86 4.66
C SER A 58 11.11 -2.57 5.43
N TYR A 59 11.99 -1.60 5.16
CA TYR A 59 11.98 -0.34 5.91
C TYR A 59 10.91 0.62 5.41
N LEU A 60 10.47 0.49 4.15
CA LEU A 60 9.53 1.46 3.61
C LEU A 60 8.11 1.20 4.09
N PRO A 61 7.31 2.24 4.30
CA PRO A 61 5.91 2.05 4.69
C PRO A 61 5.04 1.70 3.49
N GLU A 62 3.85 1.18 3.79
CA GLU A 62 2.91 0.82 2.74
C GLU A 62 2.18 2.04 2.19
N LYS A 63 1.99 3.06 3.02
CA LYS A 63 1.23 4.24 2.63
C LYS A 63 1.73 4.77 1.29
N LEU A 64 0.79 5.25 0.47
CA LEU A 64 1.07 5.77 -0.87
C LEU A 64 1.65 4.71 -1.80
N PHE A 65 1.50 3.43 -1.45
CA PHE A 65 1.93 2.32 -2.30
C PHE A 65 3.45 2.27 -2.50
N LEU A 66 4.21 2.87 -1.59
CA LEU A 66 5.66 2.87 -1.74
C LEU A 66 6.24 1.47 -1.60
N LYS A 67 5.89 0.77 -0.51
CA LYS A 67 6.40 -0.57 -0.27
C LYS A 67 6.04 -1.52 -1.41
N THR A 68 4.88 -1.32 -2.04
CA THR A 68 4.52 -2.14 -3.19
C THR A 68 5.44 -1.84 -4.37
N ALA A 69 5.67 -0.56 -4.66
CA ALA A 69 6.56 -0.19 -5.75
C ALA A 69 7.96 -0.76 -5.54
N CYS A 70 8.42 -0.80 -4.29
CA CYS A 70 9.74 -1.35 -4.01
C CYS A 70 9.84 -2.79 -4.48
N TYR A 71 8.91 -3.64 -4.05
CA TYR A 71 8.96 -5.05 -4.41
C TYR A 71 8.79 -5.23 -5.91
N PHE A 72 8.01 -4.37 -6.55
CA PHE A 72 7.89 -4.42 -8.01
C PHE A 72 9.23 -4.16 -8.68
N LEU A 73 9.91 -3.08 -8.29
CA LEU A 73 11.21 -2.76 -8.86
C LEU A 73 12.22 -3.87 -8.61
N VAL A 74 12.26 -4.40 -7.38
CA VAL A 74 13.14 -5.54 -7.11
C VAL A 74 12.79 -6.70 -8.03
N GLN A 75 11.50 -6.96 -8.23
CA GLN A 75 11.08 -8.03 -9.13
C GLN A 75 11.54 -7.76 -10.55
N THR A 76 11.38 -6.52 -11.02
CA THR A 76 11.69 -6.21 -12.41
C THR A 76 13.19 -6.16 -12.66
N PHE A 77 13.93 -5.47 -11.77
CA PHE A 77 15.35 -5.21 -11.99
C PHE A 77 16.27 -5.96 -11.05
N GLY A 78 15.75 -6.58 -9.99
CA GLY A 78 16.61 -7.15 -8.97
C GLY A 78 17.67 -8.08 -9.53
N SER A 79 17.27 -9.00 -10.42
CA SER A 79 18.21 -9.99 -10.93
C SER A 79 19.40 -9.32 -11.64
N ASP A 80 19.12 -8.28 -12.44
CA ASP A 80 20.20 -7.59 -13.13
C ASP A 80 21.11 -6.86 -12.16
N ILE A 81 20.52 -6.19 -11.16
CA ILE A 81 21.30 -5.42 -10.19
C ILE A 81 22.25 -6.34 -9.43
N ILE A 82 21.79 -7.54 -9.07
CA ILE A 82 22.62 -8.43 -8.26
C ILE A 82 23.86 -8.87 -9.03
N LYS A 83 23.74 -9.09 -10.33
CA LYS A 83 24.91 -9.51 -11.10
C LYS A 83 25.91 -8.38 -11.26
N LEU A 84 25.43 -7.15 -11.42
CA LEU A 84 26.33 -6.03 -11.65
C LEU A 84 27.05 -5.63 -10.37
N LEU A 85 26.34 -5.57 -9.25
CA LEU A 85 26.99 -5.21 -7.99
C LEU A 85 27.94 -6.30 -7.53
N ASP A 86 27.65 -7.57 -7.86
CA ASP A 86 28.58 -8.65 -7.57
C ASP A 86 29.86 -8.53 -8.39
N GLU A 87 29.83 -7.76 -9.49
CA GLU A 87 31.00 -7.50 -10.32
C GLU A 87 31.75 -6.25 -9.89
N ALA A 88 31.48 -5.73 -8.69
CA ALA A 88 32.14 -4.57 -8.11
C ALA A 88 31.78 -3.25 -8.80
N MET A 89 30.78 -3.25 -9.68
CA MET A 89 30.37 -2.02 -10.34
C MET A 89 29.61 -1.12 -9.37
N LYS A 90 29.78 0.18 -9.53
CA LYS A 90 29.12 1.15 -8.67
C LYS A 90 27.79 1.57 -9.26
N ALA A 91 27.00 2.28 -8.43
CA ALA A 91 25.64 2.62 -8.82
C ALA A 91 25.60 3.38 -10.14
N ASP A 92 26.53 4.31 -10.34
CA ASP A 92 26.53 5.11 -11.56
C ASP A 92 26.69 4.24 -12.79
N VAL A 93 27.63 3.29 -12.75
CA VAL A 93 27.81 2.37 -13.88
C VAL A 93 26.60 1.47 -14.04
N VAL A 94 26.06 0.98 -12.92
CA VAL A 94 24.90 0.09 -12.97
C VAL A 94 23.75 0.79 -13.70
N CYS A 95 23.44 2.03 -13.30
CA CYS A 95 22.30 2.72 -13.85
C CYS A 95 22.51 3.16 -15.30
N TYR A 96 23.76 3.28 -15.74
CA TYR A 96 24.01 3.48 -17.17
C TYR A 96 23.84 2.18 -17.94
N ALA A 97 24.14 1.04 -17.31
CA ALA A 97 23.92 -0.26 -17.95
C ALA A 97 22.43 -0.58 -18.02
N LEU A 98 21.69 -0.32 -16.94
CA LEU A 98 20.25 -0.56 -16.90
C LEU A 98 19.46 0.47 -17.70
N GLU A 99 20.09 1.35 -18.46
CA GLU A 99 19.43 2.33 -19.33
C GLU A 99 18.65 3.38 -18.56
N PHE A 100 18.84 3.49 -17.25
CA PHE A 100 18.27 4.61 -16.51
C PHE A 100 19.04 5.90 -16.74
N CYS A 101 20.33 5.80 -17.07
CA CYS A 101 21.13 6.94 -17.48
C CYS A 101 21.51 6.77 -18.93
N LYS A 102 21.36 7.84 -19.72
CA LYS A 102 21.56 7.80 -21.15
C LYS A 102 22.62 8.80 -21.59
N ARG A 103 23.30 8.47 -22.67
CA ARG A 103 24.37 9.31 -23.20
C ARG A 103 23.80 10.54 -23.89
N GLN A 109 29.54 10.71 -20.26
CA GLN A 109 28.84 10.09 -19.14
C GLN A 109 29.12 10.85 -17.84
N CYS A 110 28.23 10.69 -16.86
CA CYS A 110 28.30 11.43 -15.61
C CYS A 110 28.71 10.49 -14.49
N HIS A 111 29.91 10.70 -13.95
CA HIS A 111 30.43 9.90 -12.86
C HIS A 111 30.00 10.50 -11.53
N LEU A 112 29.53 9.67 -10.61
CA LEU A 112 29.40 10.07 -9.22
C LEU A 112 30.57 9.60 -8.36
N TYR A 113 31.15 8.44 -8.71
CA TYR A 113 32.31 7.95 -7.99
C TYR A 113 33.56 8.07 -8.85
N PRO A 114 34.72 8.31 -8.26
CA PRO A 114 35.95 8.47 -9.07
C PRO A 114 36.23 7.22 -9.89
N LEU A 115 36.44 7.40 -11.18
CA LEU A 115 36.76 6.27 -12.03
C LEU A 115 37.30 6.76 -13.38
N PRO A 116 38.56 6.44 -13.72
CA PRO A 116 39.10 6.91 -14.99
C PRO A 116 38.29 6.38 -16.17
N GLN A 117 38.16 7.21 -17.20
CA GLN A 117 37.27 6.89 -18.32
C GLN A 117 37.57 5.52 -18.90
N GLU A 118 38.84 5.14 -18.94
CA GLU A 118 39.19 3.80 -19.41
C GLU A 118 38.55 2.73 -18.53
N ALA A 119 38.57 2.94 -17.22
CA ALA A 119 37.89 2.01 -16.31
C ALA A 119 36.38 2.11 -16.44
N TRP A 120 35.88 3.25 -16.89
CA TRP A 120 34.45 3.42 -17.10
C TRP A 120 33.97 2.60 -18.30
N GLU A 121 34.79 2.56 -19.35
CA GLU A 121 34.41 1.85 -20.57
C GLU A 121 34.39 0.34 -20.35
N SER A 122 35.40 -0.19 -19.65
CA SER A 122 35.49 -1.62 -19.45
C SER A 122 34.29 -2.14 -18.68
N ALA A 123 33.93 -1.47 -17.57
CA ALA A 123 32.82 -1.94 -16.75
C ALA A 123 31.51 -1.89 -17.53
N LEU A 124 31.32 -0.85 -18.34
CA LEU A 124 30.08 -0.75 -19.11
C LEU A 124 30.01 -1.83 -20.18
N GLU A 125 31.10 -2.06 -20.91
CA GLU A 125 31.13 -3.13 -21.90
C GLU A 125 30.97 -4.51 -21.26
N LYS A 126 31.30 -4.65 -19.98
CA LYS A 126 31.10 -5.92 -19.29
C LYS A 126 29.64 -6.11 -18.88
N ALA A 127 28.87 -5.03 -18.74
CA ALA A 127 27.47 -5.16 -18.36
C ALA A 127 26.61 -5.63 -19.53
N ARG A 128 27.03 -5.36 -20.77
CA ARG A 128 26.24 -5.79 -21.92
C ARG A 128 26.35 -7.29 -22.14
N GLN A 129 27.53 -7.87 -21.90
CA GLN A 129 27.68 -9.32 -22.03
C GLN A 129 26.94 -10.07 -20.94
N VAL A 130 26.67 -9.42 -19.80
CA VAL A 130 25.98 -10.08 -18.71
C VAL A 130 24.47 -10.02 -18.92
N LEU A 131 23.94 -8.84 -19.23
CA LEU A 131 22.50 -8.71 -19.42
C LEU A 131 22.06 -9.33 -20.74
N ARG A 132 22.82 -9.12 -21.80
CA ARG A 132 22.48 -9.66 -23.12
C ARG A 132 23.12 -11.02 -23.33
N ILE A 146 2.47 5.56 -16.01
CA ILE A 146 2.10 5.40 -14.61
C ILE A 146 0.66 5.85 -14.40
N CYS A 147 0.43 7.14 -14.59
CA CYS A 147 -0.88 7.76 -14.47
C CYS A 147 -1.75 7.55 -15.70
N SER A 148 -1.33 6.70 -16.63
CA SER A 148 -2.08 6.46 -17.85
C SER A 148 -3.32 5.58 -17.65
N LEU A 149 -3.37 4.81 -16.57
CA LEU A 149 -4.51 3.92 -16.35
C LEU A 149 -5.80 4.71 -16.36
N PRO A 150 -6.84 4.25 -17.06
CA PRO A 150 -8.07 5.06 -17.13
C PRO A 150 -8.73 5.29 -15.78
N PHE A 151 -8.57 4.36 -14.84
CA PHE A 151 -9.21 4.47 -13.53
C PHE A 151 -8.42 5.32 -12.56
N LEU A 152 -7.13 5.54 -12.81
CA LEU A 152 -6.29 6.40 -11.98
C LEU A 152 -5.88 7.69 -12.69
N THR A 153 -6.22 7.86 -13.97
CA THR A 153 -5.72 9.00 -14.73
C THR A 153 -6.20 10.33 -14.16
N LYS A 154 -7.50 10.44 -13.84
CA LYS A 154 -8.04 11.76 -13.55
C LYS A 154 -7.58 12.28 -12.20
N ILE A 155 -7.45 11.43 -11.18
CA ILE A 155 -7.00 11.91 -9.89
C ILE A 155 -5.56 12.41 -10.01
N CYS A 156 -4.73 11.75 -10.82
CA CYS A 156 -3.42 12.30 -11.13
C CYS A 156 -3.54 13.70 -11.70
N GLN A 157 -4.41 13.85 -12.72
CA GLN A 157 -4.64 15.15 -13.32
C GLN A 157 -5.27 16.14 -12.34
N LYS A 158 -5.97 15.65 -11.31
CA LYS A 158 -6.52 16.53 -10.30
C LYS A 158 -5.46 16.95 -9.29
N ILE A 159 -4.61 16.01 -8.86
CA ILE A 159 -3.52 16.34 -7.94
C ILE A 159 -2.57 17.35 -8.58
N GLU A 160 -2.21 17.13 -9.85
CA GLU A 160 -1.27 18.01 -10.53
C GLU A 160 -1.67 19.47 -10.41
N LEU A 161 -2.95 19.77 -10.62
CA LEU A 161 -3.38 21.17 -10.62
C LEU A 161 -3.35 21.77 -9.22
N SER A 162 -3.76 21.00 -8.21
CA SER A 162 -3.80 21.53 -6.85
C SER A 162 -2.42 21.93 -6.37
N ILE A 163 -1.41 21.11 -6.67
CA ILE A 163 -0.03 21.44 -6.31
C ILE A 163 0.48 22.58 -7.17
N LYS A 164 0.38 22.42 -8.49
CA LYS A 164 0.92 23.43 -9.41
C LYS A 164 0.34 24.82 -9.11
N LYS A 165 -0.94 24.88 -8.75
CA LYS A 165 -1.56 26.14 -8.36
C LYS A 165 -1.29 26.52 -6.92
N ALA A 166 -0.61 25.66 -6.15
CA ALA A 166 -0.26 25.96 -4.76
C ALA A 166 -1.50 26.17 -3.90
N VAL A 167 -2.50 25.30 -4.09
CA VAL A 167 -3.75 25.38 -3.33
C VAL A 167 -4.05 24.01 -2.73
N PRO A 168 -4.74 23.93 -1.60
CA PRO A 168 -4.99 22.63 -0.98
C PRO A 168 -5.83 21.74 -1.87
N PHE A 169 -5.42 20.47 -1.97
CA PHE A 169 -6.16 19.49 -2.74
C PHE A 169 -7.48 19.12 -2.07
N LYS A 170 -7.52 19.12 -0.74
CA LYS A 170 -8.74 18.84 0.03
C LYS A 170 -9.31 20.17 0.48
N ASP A 171 -10.28 20.70 -0.26
CA ASP A 171 -10.85 22.00 0.06
C ASP A 171 -12.22 22.08 -0.60
N VAL A 172 -13.24 21.60 0.13
CA VAL A 172 -14.59 21.52 -0.43
C VAL A 172 -15.15 22.91 -0.69
N ASP A 173 -14.97 23.84 0.26
CA ASP A 173 -15.53 25.18 0.13
C ASP A 173 -14.68 26.11 -0.70
N SER A 174 -13.47 25.69 -1.10
CA SER A 174 -12.60 26.48 -1.97
C SER A 174 -12.22 27.82 -1.35
N ASP A 175 -12.04 27.85 -0.02
CA ASP A 175 -11.47 29.00 0.65
C ASP A 175 -9.96 28.93 0.78
N LYS A 176 -9.33 27.90 0.20
CA LYS A 176 -7.88 27.72 0.16
C LYS A 176 -7.27 27.32 1.50
N HIS A 177 -8.09 27.03 2.50
CA HIS A 177 -7.62 26.44 3.74
C HIS A 177 -8.24 25.05 3.87
N SER A 178 -7.47 24.12 4.42
CA SER A 178 -7.84 22.71 4.41
C SER A 178 -7.90 22.17 5.83
N VAL A 179 -8.54 21.00 5.96
CA VAL A 179 -8.53 20.22 7.19
C VAL A 179 -7.51 19.10 7.13
N PHE A 180 -6.83 18.89 5.95
CA PHE A 180 -5.83 17.86 5.67
C PHE A 180 -4.43 18.42 5.86
N PRO A 181 -3.46 17.63 6.35
CA PRO A 181 -2.13 18.21 6.63
C PRO A 181 -1.33 18.56 5.38
N THR A 182 -1.17 17.62 4.47
CA THR A 182 -0.27 17.79 3.33
C THR A 182 -1.09 18.19 2.09
N LEU A 183 -0.51 18.00 0.90
CA LEU A 183 -1.11 18.42 -0.35
C LEU A 183 -1.59 19.87 -0.27
N ARG A 184 -0.64 20.74 0.11
CA ARG A 184 -0.93 22.16 0.31
C ARG A 184 -1.98 22.37 1.40
N GLY A 185 -2.08 21.41 2.32
CA GLY A 185 -3.04 21.49 3.39
C GLY A 185 -2.68 22.50 4.46
N TYR A 186 -3.01 22.21 5.72
CA TYR A 186 -2.81 23.16 6.80
C TYR A 186 -1.36 23.23 7.28
N HIS A 187 -0.47 22.40 6.73
CA HIS A 187 0.95 22.59 6.99
C HIS A 187 1.42 23.93 6.45
N TRP A 188 0.76 24.43 5.41
CA TRP A 188 1.14 25.69 4.76
C TRP A 188 0.33 26.88 5.24
N ARG A 189 -0.92 26.67 5.65
CA ARG A 189 -1.78 27.73 6.15
C ARG A 189 -2.54 27.22 7.36
N GLY A 190 -3.14 28.15 8.10
CA GLY A 190 -3.96 27.77 9.24
C GLY A 190 -5.03 26.76 8.86
N ARG A 191 -5.27 25.76 9.72
CA ARG A 191 -6.27 24.76 9.42
C ARG A 191 -7.66 25.39 9.40
N ASP A 192 -8.53 24.82 8.57
CA ASP A 192 -9.90 25.30 8.44
C ASP A 192 -10.79 24.54 9.41
N CYS A 193 -11.52 25.27 10.24
CA CYS A 193 -12.41 24.65 11.21
C CYS A 193 -13.76 24.30 10.60
N ASN A 194 -14.25 25.11 9.67
CA ASN A 194 -15.50 24.83 8.96
C ASN A 194 -15.17 24.72 7.47
N ASP A 195 -14.88 23.49 7.03
CA ASP A 195 -14.56 23.26 5.62
C ASP A 195 -15.78 23.40 4.73
N SER A 196 -16.99 23.34 5.29
CA SER A 196 -18.20 23.50 4.50
C SER A 196 -18.49 24.96 4.20
N ASP A 197 -18.07 25.87 5.07
CA ASP A 197 -18.35 27.29 4.94
C ASP A 197 -17.17 27.98 4.25
N LYS A 198 -17.43 28.59 3.09
CA LYS A 198 -16.39 29.33 2.39
C LYS A 198 -16.18 30.73 2.95
N THR A 199 -16.90 31.11 3.99
CA THR A 199 -16.69 32.38 4.69
C THR A 199 -15.90 32.19 5.98
N VAL A 200 -15.52 30.96 6.31
CA VAL A 200 -14.78 30.65 7.54
C VAL A 200 -13.35 30.31 7.14
N TYR A 201 -12.41 31.16 7.54
CA TYR A 201 -11.00 30.92 7.27
C TYR A 201 -10.17 31.80 8.21
N PRO A 202 -8.99 31.35 8.63
CA PRO A 202 -8.15 32.19 9.48
C PRO A 202 -7.86 33.55 8.85
N GLY A 203 -7.72 34.56 9.70
CA GLY A 203 -7.46 35.91 9.24
C GLY A 203 -8.69 36.73 8.94
N ARG A 204 -9.88 36.13 8.97
CA ARG A 204 -11.11 36.85 8.65
C ARG A 204 -11.49 37.82 9.75
N ARG A 205 -12.06 38.95 9.33
CA ARG A 205 -12.61 39.89 10.30
C ARG A 205 -13.75 39.23 11.07
N PRO A 206 -13.88 39.50 12.37
CA PRO A 206 -14.92 38.81 13.16
C PRO A 206 -16.31 39.15 12.65
N ASP A 207 -17.06 38.12 12.25
CA ASP A 207 -18.43 38.30 11.78
C ASP A 207 -19.34 38.36 12.99
N ASN A 208 -19.79 39.56 13.35
CA ASN A 208 -20.53 39.78 14.58
C ASN A 208 -19.75 39.28 15.79
N TRP A 209 -18.43 39.15 15.64
CA TRP A 209 -17.54 38.70 16.70
C TRP A 209 -17.92 37.32 17.22
N ASP A 210 -18.30 36.43 16.30
CA ASP A 210 -18.41 35.00 16.56
C ASP A 210 -19.28 34.72 17.78
N ILE A 211 -20.53 35.20 17.71
CA ILE A 211 -21.50 34.88 18.75
C ILE A 211 -21.81 33.39 18.75
N HIS A 212 -22.02 32.80 17.57
CA HIS A 212 -22.47 31.43 17.45
C HIS A 212 -21.39 30.46 17.01
N GLN A 213 -20.55 30.82 16.04
CA GLN A 213 -19.54 29.91 15.53
C GLN A 213 -18.27 30.69 15.20
N ASP A 214 -17.13 30.02 15.33
CA ASP A 214 -15.84 30.66 15.09
C ASP A 214 -15.69 31.03 13.62
N SER A 215 -15.53 32.32 13.35
CA SER A 215 -15.48 32.80 11.97
C SER A 215 -14.09 32.66 11.36
N ASN A 216 -13.04 32.88 12.16
CA ASN A 216 -11.67 32.85 11.67
C ASN A 216 -10.86 31.70 12.27
N CYS A 217 -11.52 30.65 12.73
CA CYS A 217 -10.86 29.44 13.24
C CYS A 217 -9.72 29.74 14.20
N ASN A 218 -9.72 30.92 14.83
CA ASN A 218 -8.65 31.27 15.76
C ASN A 218 -8.94 30.79 17.17
N GLY A 219 -9.94 29.93 17.36
CA GLY A 219 -10.19 29.28 18.61
C GLY A 219 -10.94 30.11 19.63
N ILE A 220 -11.36 31.33 19.30
CA ILE A 220 -12.07 32.21 20.22
C ILE A 220 -13.48 32.41 19.67
N TRP A 221 -14.48 32.08 20.48
CA TRP A 221 -15.88 32.26 20.10
C TRP A 221 -16.70 32.23 21.37
N GLY A 222 -17.98 32.55 21.23
CA GLY A 222 -18.90 32.53 22.35
C GLY A 222 -19.06 33.89 23.00
N ILE A 223 -19.65 33.86 24.19
CA ILE A 223 -20.03 35.06 24.93
C ILE A 223 -19.55 34.94 26.37
N ASP A 224 -19.34 36.10 27.00
CA ASP A 224 -18.88 36.15 28.38
C ASP A 224 -20.03 35.75 29.32
N PRO A 225 -19.85 34.74 30.18
CA PRO A 225 -20.98 34.34 31.05
C PRO A 225 -21.47 35.45 31.97
N LYS A 226 -20.58 36.17 32.65
CA LYS A 226 -21.01 37.14 33.63
C LYS A 226 -21.80 38.28 32.98
N ASP A 227 -21.28 38.81 31.87
CA ASP A 227 -21.78 40.04 31.29
C ASP A 227 -22.54 39.85 29.99
N GLY A 228 -22.52 38.65 29.42
CA GLY A 228 -23.17 38.47 28.14
C GLY A 228 -22.49 39.19 27.00
N ILE A 229 -21.18 39.37 27.06
CA ILE A 229 -20.45 40.09 26.02
C ILE A 229 -19.69 39.08 25.17
N PRO A 230 -19.65 39.24 23.85
CA PRO A 230 -18.90 38.30 23.00
C PRO A 230 -17.44 38.18 23.44
N TYR A 231 -16.96 36.95 23.51
CA TYR A 231 -15.56 36.71 23.91
C TYR A 231 -14.59 37.41 22.95
N GLU A 232 -14.87 37.36 21.64
CA GLU A 232 -13.94 37.88 20.65
C GLU A 232 -13.66 39.37 20.89
N LYS A 233 -14.68 40.22 20.71
CA LYS A 233 -14.45 41.66 20.83
C LYS A 233 -13.95 42.02 22.22
N LYS A 234 -14.41 41.30 23.24
CA LYS A 234 -13.92 41.50 24.60
C LYS A 234 -12.41 41.40 24.64
N PHE A 235 -11.84 40.41 23.95
CA PHE A 235 -10.42 40.10 24.05
C PHE A 235 -9.58 40.70 22.91
N CYS A 236 -10.01 40.53 21.66
CA CYS A 236 -9.18 40.82 20.51
C CYS A 236 -9.37 42.20 19.91
N GLU A 237 -10.40 42.94 20.30
CA GLU A 237 -10.64 44.26 19.73
C GLU A 237 -9.52 45.23 20.08
N GLY A 238 -9.23 46.14 19.15
CA GLY A 238 -8.28 47.21 19.39
C GLY A 238 -6.83 46.80 19.53
N SER A 239 -6.49 45.54 19.28
CA SER A 239 -5.11 45.08 19.40
C SER A 239 -4.31 45.27 18.12
N GLN A 240 -4.94 45.63 17.01
CA GLN A 240 -4.27 45.71 15.72
C GLN A 240 -3.67 44.36 15.38
N PRO A 241 -4.48 43.32 15.22
CA PRO A 241 -3.94 42.03 14.79
C PRO A 241 -3.35 42.11 13.40
N ARG A 242 -2.35 41.27 13.16
CA ARG A 242 -1.70 41.23 11.85
C ARG A 242 -1.24 39.81 11.61
N GLY A 243 -1.31 39.39 10.34
CA GLY A 243 -0.90 38.06 9.95
C GLY A 243 0.51 38.02 9.38
N ILE A 244 1.00 36.79 9.22
CA ILE A 244 2.31 36.55 8.62
C ILE A 244 2.10 35.75 7.33
N ILE A 245 2.63 36.28 6.23
CA ILE A 245 2.52 35.65 4.93
C ILE A 245 3.91 35.59 4.32
N LEU A 246 4.23 34.48 3.67
CA LEU A 246 5.54 34.27 3.07
C LEU A 246 5.40 34.14 1.57
N LEU A 247 6.17 34.97 0.84
CA LEU A 247 6.36 34.83 -0.60
C LEU A 247 7.80 34.38 -0.78
N GLY A 248 7.99 33.06 -0.85
CA GLY A 248 9.34 32.51 -0.83
C GLY A 248 9.54 31.33 -1.76
N ASP A 249 10.72 30.73 -1.69
CA ASP A 249 11.11 29.60 -2.53
C ASP A 249 11.29 28.35 -1.67
N ALA A 250 11.98 27.35 -2.23
CA ALA A 250 12.14 26.08 -1.55
C ALA A 250 12.66 26.27 -0.12
N ALA A 251 13.67 27.13 0.04
CA ALA A 251 14.19 27.41 1.38
C ALA A 251 13.10 27.95 2.28
N GLY A 252 12.26 28.84 1.77
CA GLY A 252 11.17 29.38 2.58
C GLY A 252 10.23 28.30 3.08
N ALA A 253 10.00 27.28 2.26
CA ALA A 253 9.17 26.14 2.65
C ALA A 253 9.97 25.07 3.40
N HIS A 254 11.24 25.33 3.69
CA HIS A 254 12.09 24.38 4.41
C HIS A 254 12.20 23.04 3.69
N PHE A 255 12.63 23.10 2.43
CA PHE A 255 12.96 21.89 1.70
C PHE A 255 13.98 21.09 2.48
N HIS A 256 13.71 19.80 2.67
CA HIS A 256 14.54 18.98 3.54
C HIS A 256 14.33 17.51 3.19
N ILE A 257 15.37 16.87 2.68
CA ILE A 257 15.41 15.43 2.49
C ILE A 257 16.19 14.84 3.67
N PRO A 258 15.55 14.11 4.58
CA PRO A 258 16.30 13.54 5.71
C PRO A 258 17.45 12.69 5.21
N PRO A 259 18.67 12.94 5.67
CA PRO A 259 19.80 12.09 5.25
C PRO A 259 19.61 10.64 5.65
N GLU A 260 18.71 10.35 6.60
CA GLU A 260 18.48 8.98 7.02
C GLU A 260 18.01 8.12 5.85
N TRP A 261 17.30 8.71 4.90
CA TRP A 261 16.83 7.97 3.74
C TRP A 261 17.95 7.50 2.83
N LEU A 262 19.17 8.02 3.02
CA LEU A 262 20.29 7.74 2.13
C LEU A 262 21.48 7.11 2.83
N THR A 263 21.56 7.17 4.15
CA THR A 263 22.67 6.60 4.91
C THR A 263 22.27 5.21 5.39
N ALA A 264 22.77 4.18 4.69
CA ALA A 264 22.45 2.81 5.05
C ALA A 264 22.91 2.46 6.45
N SER A 265 24.01 3.07 6.91
CA SER A 265 24.62 2.67 8.18
C SER A 265 23.64 2.73 9.34
N GLN A 266 22.67 3.63 9.30
CA GLN A 266 21.73 3.84 10.40
C GLN A 266 20.28 3.69 9.97
N MET A 267 20.05 2.92 8.92
CA MET A 267 18.70 2.75 8.40
C MET A 267 17.89 1.81 9.27
N SER A 268 16.58 2.07 9.33
CA SER A 268 15.64 1.25 10.09
C SER A 268 14.25 1.54 9.55
N VAL A 269 13.25 0.87 10.15
CA VAL A 269 11.87 1.11 9.73
C VAL A 269 11.45 2.53 10.12
N ASN A 270 12.01 3.06 11.20
CA ASN A 270 11.68 4.40 11.66
C ASN A 270 12.28 5.50 10.78
N SER A 271 13.21 5.15 9.89
CA SER A 271 13.84 6.18 9.05
C SER A 271 12.86 6.71 8.01
N PHE A 272 11.98 5.86 7.48
CA PHE A 272 11.11 6.21 6.37
C PHE A 272 9.67 6.45 6.80
N LEU A 273 9.40 6.60 8.10
CA LEU A 273 8.02 6.83 8.54
C LEU A 273 7.48 8.14 8.01
N ASN A 274 8.31 9.18 7.95
CA ASN A 274 7.88 10.49 7.49
C ASN A 274 7.97 10.65 5.98
N LEU A 275 8.30 9.59 5.26
CA LEU A 275 8.42 9.70 3.80
C LEU A 275 7.09 10.04 3.12
N PRO A 276 5.96 9.42 3.48
CA PRO A 276 4.71 9.75 2.77
C PRO A 276 4.27 11.19 2.98
N SER A 277 4.34 11.70 4.21
CA SER A 277 3.99 13.09 4.45
C SER A 277 4.90 14.04 3.69
N ALA A 278 6.17 13.66 3.49
CA ALA A 278 7.11 14.54 2.81
C ALA A 278 6.81 14.62 1.32
N LEU A 279 6.60 13.48 0.67
CA LEU A 279 6.32 13.48 -0.77
C LEU A 279 5.08 14.30 -1.08
N THR A 280 3.98 14.06 -0.35
CA THR A 280 2.76 14.83 -0.55
C THR A 280 2.91 16.29 -0.16
N ASP A 281 4.00 16.67 0.50
CA ASP A 281 4.30 18.05 0.80
C ASP A 281 5.36 18.62 -0.14
N GLU A 282 5.61 17.96 -1.27
CA GLU A 282 6.62 18.41 -2.22
C GLU A 282 8.01 18.44 -1.59
N LEU A 283 8.27 17.50 -0.68
CA LEU A 283 9.53 17.44 0.08
C LEU A 283 9.77 18.72 0.89
N ASN A 284 8.71 19.50 1.13
CA ASN A 284 8.79 20.69 1.95
C ASN A 284 8.27 20.41 3.36
N TRP A 285 8.75 21.22 4.31
CA TRP A 285 8.36 21.09 5.71
C TRP A 285 8.02 22.48 6.26
N PRO A 286 7.02 23.14 5.67
CA PRO A 286 6.69 24.51 6.12
C PRO A 286 6.25 24.56 7.57
N GLN A 287 5.65 23.49 8.09
CA GLN A 287 5.26 23.47 9.48
C GLN A 287 6.45 23.73 10.42
N LEU A 288 7.67 23.50 9.94
CA LEU A 288 8.87 23.71 10.74
C LEU A 288 9.73 24.86 10.24
N SER A 289 9.29 25.59 9.23
CA SER A 289 10.09 26.69 8.69
C SER A 289 10.26 27.78 9.75
N GLY A 290 11.15 28.72 9.44
CA GLY A 290 11.42 29.81 10.36
C GLY A 290 10.41 30.94 10.33
N VAL A 291 9.54 30.96 9.32
CA VAL A 291 8.57 32.03 9.13
C VAL A 291 7.16 31.56 9.51
N THR A 292 6.70 30.47 8.91
CA THR A 292 5.34 29.99 9.06
C THR A 292 5.31 28.64 9.77
N GLY A 293 6.20 28.45 10.74
CA GLY A 293 6.27 27.20 11.47
C GLY A 293 5.45 27.27 12.75
N PHE A 294 4.77 26.16 13.05
CA PHE A 294 3.93 26.08 14.24
C PHE A 294 4.16 24.83 15.08
N LEU A 295 5.06 23.94 14.66
CA LEU A 295 5.37 22.74 15.42
C LEU A 295 6.65 22.92 16.23
N ASP A 296 6.75 22.12 17.30
CA ASP A 296 7.92 22.15 18.16
C ASP A 296 9.16 21.67 17.40
N SER A 297 10.27 22.36 17.61
CA SER A 297 11.49 22.11 16.84
C SER A 297 12.19 20.85 17.31
N THR A 298 12.48 19.94 16.37
CA THR A 298 13.29 18.77 16.67
C THR A 298 14.74 19.15 16.96
N SER A 299 15.27 20.12 16.21
CA SER A 299 16.68 20.46 16.32
C SER A 299 17.10 20.74 17.75
N GLY A 300 16.17 21.18 18.59
CA GLY A 300 16.45 21.42 20.00
C GLY A 300 16.77 22.85 20.36
N ILE A 301 17.02 23.72 19.39
CA ILE A 301 17.26 25.12 19.74
C ILE A 301 15.95 25.78 20.17
N GLU A 302 16.08 26.85 20.95
CA GLU A 302 14.95 27.47 21.60
C GLU A 302 14.27 28.53 20.74
N GLU A 303 14.90 28.96 19.66
CA GLU A 303 14.29 29.94 18.77
C GLU A 303 13.01 29.40 18.16
N LYS A 304 12.03 30.27 17.99
CA LYS A 304 10.74 29.91 17.43
C LYS A 304 10.50 30.70 16.14
N SER A 305 9.53 30.24 15.37
CA SER A 305 9.21 30.86 14.09
C SER A 305 8.60 32.24 14.31
N ILE A 306 8.59 33.03 13.23
CA ILE A 306 7.96 34.35 13.28
C ILE A 306 6.49 34.21 13.66
N TYR A 307 5.78 33.27 13.03
CA TYR A 307 4.38 33.04 13.39
C TYR A 307 4.24 32.75 14.88
N HIS A 308 5.14 31.93 15.42
CA HIS A 308 5.08 31.63 16.85
C HIS A 308 5.30 32.89 17.68
N ARG A 309 6.31 33.68 17.32
CA ARG A 309 6.50 34.98 17.96
C ARG A 309 5.28 35.87 17.76
N LEU A 310 4.65 35.79 16.58
CA LEU A 310 3.45 36.56 16.31
C LEU A 310 2.29 36.11 17.19
N ARG A 311 1.99 34.81 17.16
CA ARG A 311 0.89 34.29 17.96
C ARG A 311 1.15 34.48 19.44
N LYS A 312 2.38 34.20 19.89
CA LYS A 312 2.72 34.41 21.30
C LYS A 312 2.44 35.85 21.71
N ARG A 313 2.83 36.82 20.86
CA ARG A 313 2.66 38.22 21.21
C ARG A 313 1.20 38.60 21.25
N ASN A 314 0.39 38.02 20.36
CA ASN A 314 -1.04 38.34 20.28
C ASN A 314 -1.77 37.04 19.95
N HIS A 315 -2.38 36.43 20.98
CA HIS A 315 -3.10 35.19 20.80
C HIS A 315 -4.22 35.28 19.76
N CYS A 316 -4.59 36.49 19.33
CA CYS A 316 -5.59 36.64 18.29
C CYS A 316 -5.05 36.24 16.92
N ASN A 317 -3.76 36.42 16.69
CA ASN A 317 -3.12 36.04 15.44
C ASN A 317 -3.03 34.52 15.26
N HIS A 318 -3.56 33.74 16.19
CA HIS A 318 -3.56 32.29 16.09
C HIS A 318 -4.00 31.84 14.71
N ARG A 319 -3.18 31.00 14.08
CA ARG A 319 -3.41 30.39 12.77
C ARG A 319 -3.32 31.38 11.61
N ASP A 320 -3.05 32.66 11.87
CA ASP A 320 -2.96 33.65 10.78
C ASP A 320 -1.56 33.61 10.18
N TYR A 321 -1.25 32.47 9.55
CA TYR A 321 0.01 32.25 8.89
C TYR A 321 -0.26 31.64 7.51
N GLN A 322 0.53 32.06 6.52
CA GLN A 322 0.39 31.54 5.17
C GLN A 322 1.77 31.41 4.54
N SER A 323 2.02 30.26 3.91
CA SER A 323 3.29 30.00 3.24
C SER A 323 3.01 29.89 1.74
N ILE A 324 3.11 31.03 1.05
CA ILE A 324 2.93 31.08 -0.39
C ILE A 324 4.31 30.91 -1.02
N SER A 325 4.82 29.69 -0.99
CA SER A 325 6.18 29.41 -1.43
C SER A 325 6.19 28.15 -2.28
N LYS A 326 7.02 28.14 -3.31
CA LYS A 326 7.15 26.99 -4.20
C LYS A 326 8.61 26.77 -4.54
N ASN A 327 8.95 25.50 -4.78
CA ASN A 327 10.32 25.17 -5.18
C ASN A 327 10.63 25.79 -6.53
N GLY A 328 11.79 26.44 -6.63
CA GLY A 328 12.17 27.12 -7.83
C GLY A 328 11.63 28.53 -7.97
N ALA A 329 10.93 29.04 -6.96
CA ALA A 329 10.34 30.36 -7.03
C ALA A 329 11.41 31.44 -7.15
N SER A 330 11.17 32.41 -8.03
CA SER A 330 12.06 33.54 -8.23
C SER A 330 11.23 34.76 -8.55
N SER A 331 11.91 35.92 -8.64
CA SER A 331 11.21 37.13 -9.05
C SER A 331 10.58 36.98 -10.43
N ARG A 332 11.10 36.07 -11.26
CA ARG A 332 10.58 35.93 -12.61
C ARG A 332 9.27 35.18 -12.64
N ASN A 333 9.09 34.17 -11.78
CA ASN A 333 7.96 33.27 -11.88
C ASN A 333 7.04 33.29 -10.66
N LEU A 334 7.23 34.24 -9.74
CA LEU A 334 6.33 34.32 -8.59
C LEU A 334 4.90 34.56 -9.04
N LYS A 335 4.72 35.35 -10.10
CA LYS A 335 3.38 35.62 -10.61
C LYS A 335 2.63 34.34 -10.94
N ASN A 336 3.35 33.29 -11.33
CA ASN A 336 2.71 32.05 -11.76
C ASN A 336 1.97 31.33 -10.63
N PHE A 337 2.14 31.77 -9.37
CA PHE A 337 1.41 31.13 -8.27
C PHE A 337 1.08 32.10 -7.14
N ILE A 338 1.37 33.39 -7.27
CA ILE A 338 1.02 34.34 -6.21
C ILE A 338 -0.49 34.43 -6.05
N GLU A 339 -1.26 34.01 -7.06
CA GLU A 339 -2.71 33.99 -6.94
C GLU A 339 -3.17 33.06 -5.82
N SER A 340 -2.34 32.09 -5.43
CA SER A 340 -2.69 31.20 -4.34
C SER A 340 -2.83 31.94 -3.01
N LEU A 341 -2.29 33.15 -2.90
CA LEU A 341 -2.45 33.95 -1.71
C LEU A 341 -3.93 34.17 -1.41
N SER A 342 -4.33 33.84 -0.17
CA SER A 342 -5.71 33.98 0.27
C SER A 342 -5.78 35.11 1.31
N ARG A 343 -6.16 36.30 0.86
CA ARG A 343 -6.33 37.45 1.74
C ARG A 343 -7.30 38.40 1.06
N ASN A 344 -8.50 38.54 1.62
CA ASN A 344 -9.50 39.45 1.07
C ASN A 344 -9.27 40.87 1.58
N GLN A 345 -9.35 41.83 0.65
CA GLN A 345 -8.94 43.20 0.96
C GLN A 345 -9.89 43.88 1.95
N ALA A 346 -11.14 43.44 2.02
CA ALA A 346 -12.13 44.08 2.88
C ALA A 346 -12.49 43.26 4.11
N SER A 347 -12.51 41.94 4.00
CA SER A 347 -12.98 41.07 5.08
C SER A 347 -11.85 40.51 5.93
N ASP A 348 -10.60 40.85 5.65
CA ASP A 348 -9.48 40.28 6.37
C ASP A 348 -8.66 41.38 7.06
N HIS A 349 -7.94 40.96 8.11
CA HIS A 349 -7.07 41.87 8.84
C HIS A 349 -5.87 42.23 7.98
N PRO A 350 -5.06 43.18 8.42
CA PRO A 350 -3.78 43.43 7.74
C PRO A 350 -2.89 42.20 7.78
N ALA A 351 -1.70 42.30 7.20
CA ALA A 351 -0.78 41.17 7.18
C ALA A 351 0.65 41.68 7.10
N ILE A 352 1.55 40.90 7.69
CA ILE A 352 2.98 41.11 7.57
C ILE A 352 3.45 40.15 6.48
N VAL A 353 3.92 40.69 5.36
CA VAL A 353 4.32 39.91 4.20
C VAL A 353 5.83 39.93 4.10
N LEU A 354 6.42 38.75 3.90
CA LEU A 354 7.86 38.62 3.70
C LEU A 354 8.12 38.14 2.28
N TYR A 355 8.83 38.95 1.51
CA TYR A 355 9.25 38.60 0.16
C TYR A 355 10.65 38.01 0.25
N ALA A 356 10.74 36.68 0.07
CA ALA A 356 12.00 35.96 0.32
C ALA A 356 12.33 35.08 -0.89
N MET A 357 12.81 35.72 -1.96
CA MET A 357 13.37 35.01 -3.11
C MET A 357 14.90 35.09 -2.96
N ILE A 358 15.44 34.15 -2.21
CA ILE A 358 16.77 34.31 -1.63
C ILE A 358 17.85 33.65 -2.50
N GLY A 359 17.54 33.31 -3.75
CA GLY A 359 18.58 32.71 -4.56
C GLY A 359 18.25 32.41 -6.01
N ASN A 360 17.03 31.94 -6.29
CA ASN A 360 16.71 31.47 -7.64
C ASN A 360 16.90 32.54 -8.71
N ASP A 361 17.04 33.81 -8.33
CA ASP A 361 17.36 34.83 -9.32
C ASP A 361 18.81 34.80 -9.73
N VAL A 362 19.67 34.15 -8.94
CA VAL A 362 21.04 33.86 -9.36
C VAL A 362 21.29 32.37 -9.52
N CYS A 363 20.49 31.51 -8.90
CA CYS A 363 20.68 30.06 -8.93
C CYS A 363 19.80 29.45 -10.03
N ASN A 364 20.43 28.79 -10.99
CA ASN A 364 19.69 28.13 -12.05
C ASN A 364 20.46 26.90 -12.50
N SER A 365 19.80 26.07 -13.31
CA SER A 365 20.34 24.78 -13.73
C SER A 365 20.97 24.82 -15.12
N LYS A 366 21.05 25.99 -15.75
CA LYS A 366 21.60 26.07 -17.09
C LYS A 366 23.12 25.99 -17.07
N ALA A 367 23.69 25.44 -18.15
CA ALA A 367 25.13 25.37 -18.27
C ALA A 367 25.73 26.76 -18.35
N ASP A 368 25.30 27.55 -19.33
CA ASP A 368 25.67 28.97 -19.41
C ASP A 368 24.78 29.71 -18.41
N THR A 369 25.19 29.67 -17.14
CA THR A 369 24.30 30.01 -16.05
C THR A 369 24.16 31.51 -15.83
N VAL A 370 25.18 32.30 -16.16
CA VAL A 370 25.13 33.74 -15.88
C VAL A 370 24.02 34.42 -16.68
N PRO A 371 23.86 34.20 -17.98
CA PRO A 371 22.74 34.81 -18.71
C PRO A 371 21.38 34.59 -18.05
N GLU A 372 21.15 33.41 -17.46
CA GLU A 372 19.88 33.14 -16.81
C GLU A 372 19.69 33.96 -15.53
N MET A 373 20.77 34.48 -14.96
CA MET A 373 20.67 35.26 -13.74
C MET A 373 19.88 36.53 -14.00
N THR A 374 18.96 36.84 -13.09
CA THR A 374 18.18 38.07 -13.20
C THR A 374 19.07 39.28 -12.99
N THR A 375 18.89 40.30 -13.83
CA THR A 375 19.67 41.52 -13.67
C THR A 375 18.95 42.49 -12.76
N PRO A 376 19.66 43.47 -12.22
CA PRO A 376 18.99 44.47 -11.37
C PRO A 376 17.80 45.13 -12.04
N GLU A 377 17.88 45.39 -13.34
CA GLU A 377 16.77 46.02 -14.05
C GLU A 377 15.56 45.10 -14.08
N GLN A 378 15.77 43.83 -14.44
CA GLN A 378 14.67 42.86 -14.41
C GLN A 378 14.19 42.66 -12.98
N MET A 379 15.11 42.64 -12.02
CA MET A 379 14.73 42.53 -10.62
C MET A 379 13.78 43.66 -10.23
N TYR A 380 14.15 44.90 -10.58
CA TYR A 380 13.30 46.05 -10.29
C TYR A 380 11.92 45.87 -10.91
N ALA A 381 11.88 45.53 -12.20
CA ALA A 381 10.61 45.43 -12.91
C ALA A 381 9.73 44.31 -12.35
N ASN A 382 10.35 43.20 -11.94
CA ASN A 382 9.57 42.06 -11.47
C ASN A 382 8.99 42.32 -10.09
N VAL A 383 9.77 42.93 -9.20
CA VAL A 383 9.31 43.19 -7.84
C VAL A 383 8.22 44.26 -7.85
N MET A 384 8.42 45.35 -8.60
CA MET A 384 7.39 46.38 -8.68
C MET A 384 6.06 45.81 -9.15
N GLN A 385 6.10 44.88 -10.11
CA GLN A 385 4.86 44.22 -10.53
C GLN A 385 4.28 43.38 -9.41
N THR A 386 5.14 42.74 -8.62
CA THR A 386 4.66 41.92 -7.51
C THR A 386 4.07 42.79 -6.40
N LEU A 387 4.73 43.90 -6.09
CA LEU A 387 4.19 44.81 -5.08
C LEU A 387 2.87 45.42 -5.53
N THR A 388 2.77 45.79 -6.81
CA THR A 388 1.52 46.33 -7.33
C THR A 388 0.37 45.36 -7.12
N HIS A 389 0.61 44.06 -7.35
CA HIS A 389 -0.42 43.06 -7.14
C HIS A 389 -0.84 43.00 -5.67
N LEU A 390 0.07 43.28 -4.75
CA LEU A 390 -0.26 43.21 -3.33
C LEU A 390 -1.07 44.42 -2.89
N ASN A 391 -0.71 45.62 -3.36
CA ASN A 391 -1.46 46.81 -2.98
C ASN A 391 -2.92 46.69 -3.39
N SER A 392 -3.22 45.93 -4.44
CA SER A 392 -4.58 45.67 -4.87
C SER A 392 -5.23 44.49 -4.15
N HIS A 393 -4.46 43.70 -3.40
CA HIS A 393 -4.98 42.50 -2.76
C HIS A 393 -4.78 42.46 -1.25
N LEU A 394 -4.03 43.39 -0.67
CA LEU A 394 -3.76 43.38 0.76
C LEU A 394 -4.56 44.45 1.47
N PRO A 395 -5.27 44.12 2.56
CA PRO A 395 -5.97 45.16 3.32
C PRO A 395 -5.01 46.24 3.79
N ASN A 396 -5.55 47.44 3.97
CA ASN A 396 -4.75 48.55 4.46
C ASN A 396 -4.16 48.24 5.83
N GLY A 397 -3.05 48.90 6.14
CA GLY A 397 -2.34 48.64 7.38
C GLY A 397 -1.44 47.43 7.33
N SER A 398 -1.18 46.86 6.15
CA SER A 398 -0.29 45.73 6.02
C SER A 398 1.16 46.21 5.91
N HIS A 399 2.08 45.25 5.89
CA HIS A 399 3.49 45.56 5.85
C HIS A 399 4.22 44.49 5.05
N VAL A 400 5.18 44.93 4.25
CA VAL A 400 5.95 44.05 3.37
C VAL A 400 7.43 44.23 3.71
N ILE A 401 8.12 43.12 3.89
CA ILE A 401 9.55 43.12 4.21
C ILE A 401 10.26 42.36 3.09
N LEU A 402 11.24 43.01 2.47
CA LEU A 402 12.00 42.41 1.38
C LEU A 402 13.27 41.78 1.95
N TYR A 403 13.46 40.49 1.71
CA TYR A 403 14.67 39.80 2.13
C TYR A 403 15.79 40.02 1.12
N GLY A 404 17.00 40.17 1.63
CA GLY A 404 18.17 40.20 0.78
C GLY A 404 18.58 38.80 0.38
N LEU A 405 19.61 38.73 -0.48
CA LEU A 405 20.11 37.43 -0.90
C LEU A 405 21.43 37.13 -0.20
N PRO A 406 21.63 35.92 0.30
CA PRO A 406 22.87 35.60 1.01
C PRO A 406 24.03 35.38 0.05
N ASP A 407 25.23 35.42 0.62
CA ASP A 407 26.46 35.16 -0.14
C ASP A 407 26.69 33.66 -0.16
N GLY A 408 26.29 33.01 -1.24
CA GLY A 408 26.32 31.56 -1.31
C GLY A 408 27.68 30.94 -1.55
N THR A 409 28.76 31.72 -1.62
CA THR A 409 30.09 31.12 -1.63
C THR A 409 30.32 30.31 -0.37
N PHE A 410 29.54 30.57 0.67
CA PHE A 410 29.60 29.78 1.90
C PHE A 410 29.38 28.30 1.61
N LEU A 411 28.59 27.96 0.60
CA LEU A 411 28.30 26.56 0.30
C LEU A 411 29.58 25.80 -0.06
N TRP A 412 30.30 26.27 -1.08
CA TRP A 412 31.50 25.56 -1.50
C TRP A 412 32.57 25.57 -0.42
N ASP A 413 32.77 26.72 0.24
CA ASP A 413 33.82 26.81 1.24
C ASP A 413 33.59 25.82 2.37
N SER A 414 32.34 25.63 2.78
CA SER A 414 32.07 24.78 3.94
C SER A 414 32.07 23.30 3.57
N LEU A 415 31.57 22.96 2.38
CA LEU A 415 31.19 21.58 2.08
C LEU A 415 32.06 20.88 1.06
N HIS A 416 32.77 21.62 0.19
CA HIS A 416 33.35 21.00 -0.99
C HIS A 416 34.26 19.82 -0.64
N ASN A 417 34.88 19.83 0.54
CA ASN A 417 35.78 18.76 0.96
C ASN A 417 35.17 17.85 2.01
N ARG A 418 33.87 17.95 2.24
CA ARG A 418 33.16 17.05 3.14
C ARG A 418 32.39 16.01 2.34
N TYR A 419 31.98 14.95 3.02
CA TYR A 419 31.38 13.80 2.36
C TYR A 419 29.86 13.87 2.41
N HIS A 420 29.25 13.76 1.23
CA HIS A 420 27.80 13.66 1.11
C HIS A 420 27.30 12.41 1.83
N PRO A 421 26.06 12.42 2.33
CA PRO A 421 25.55 11.20 2.98
C PRO A 421 25.75 9.93 2.18
N LEU A 422 25.60 10.00 0.85
CA LEU A 422 25.84 8.83 0.01
C LEU A 422 27.30 8.42 -0.04
N GLY A 423 28.21 9.28 0.41
CA GLY A 423 29.62 8.96 0.38
C GLY A 423 30.21 8.79 1.77
N GLN A 424 29.39 8.96 2.80
CA GLN A 424 29.92 8.91 4.16
C GLN A 424 30.41 7.51 4.52
N LEU A 425 29.73 6.47 4.03
CA LEU A 425 30.11 5.10 4.37
C LEU A 425 31.55 4.82 3.95
N ASN A 426 31.85 4.97 2.67
CA ASN A 426 33.18 4.67 2.13
C ASN A 426 34.00 5.93 1.88
N LYS A 427 33.50 7.10 2.28
CA LYS A 427 34.24 8.34 2.12
C LYS A 427 34.76 8.46 0.69
N ASP A 428 33.84 8.25 -0.27
CA ASP A 428 34.17 8.20 -1.68
C ASP A 428 33.33 9.18 -2.51
N VAL A 429 32.53 10.02 -1.87
CA VAL A 429 31.77 11.05 -2.58
C VAL A 429 31.83 12.33 -1.73
N THR A 430 32.57 13.32 -2.20
CA THR A 430 32.59 14.65 -1.60
C THR A 430 31.53 15.53 -2.25
N TYR A 431 31.10 16.55 -1.51
CA TYR A 431 30.14 17.50 -2.06
C TYR A 431 30.64 18.09 -3.38
N ALA A 432 31.95 18.20 -3.54
CA ALA A 432 32.51 18.63 -4.82
C ALA A 432 32.14 17.65 -5.92
N GLN A 433 32.34 16.36 -5.68
CA GLN A 433 31.94 15.35 -6.64
C GLN A 433 30.42 15.31 -6.80
N PHE A 434 29.69 15.60 -5.73
CA PHE A 434 28.23 15.62 -5.81
C PHE A 434 27.74 16.79 -6.65
N PHE A 435 28.37 17.96 -6.50
CA PHE A 435 27.98 19.12 -7.31
C PHE A 435 28.30 18.87 -8.78
N SER A 436 29.45 18.27 -9.07
CA SER A 436 29.80 18.00 -10.46
C SER A 436 28.84 16.97 -11.06
N PHE A 437 28.50 15.93 -10.30
CA PHE A 437 27.55 14.95 -10.79
C PHE A 437 26.23 15.61 -11.18
N LEU A 438 25.64 16.37 -10.26
CA LEU A 438 24.40 17.08 -10.56
C LEU A 438 24.57 18.01 -11.76
N ARG A 439 25.68 18.75 -11.80
CA ARG A 439 25.94 19.63 -12.94
C ARG A 439 25.92 18.85 -14.25
N CYS A 440 26.51 17.65 -14.25
CA CYS A 440 26.53 16.84 -15.46
C CYS A 440 25.13 16.43 -15.88
N LEU A 441 24.27 16.13 -14.90
CA LEU A 441 22.90 15.73 -15.16
C LEU A 441 21.95 16.91 -15.40
N GLN A 442 22.48 18.13 -15.50
CA GLN A 442 21.64 19.32 -15.67
C GLN A 442 20.65 19.47 -14.52
N LEU A 443 20.99 18.93 -13.35
CA LEU A 443 20.13 18.97 -12.17
C LEU A 443 20.70 19.83 -11.05
N ASN A 444 21.82 20.49 -11.26
CA ASN A 444 22.42 21.28 -10.19
C ASN A 444 21.54 22.49 -9.91
N PRO A 445 20.99 22.66 -8.71
CA PRO A 445 20.06 23.77 -8.48
C PRO A 445 20.71 25.15 -8.52
N CYS A 446 22.04 25.24 -8.36
CA CYS A 446 22.72 26.53 -8.36
C CYS A 446 24.11 26.35 -8.96
N ASN A 447 24.17 26.37 -10.30
CA ASN A 447 25.45 26.27 -10.99
C ASN A 447 26.39 27.41 -10.62
N GLY A 448 25.86 28.54 -10.13
CA GLY A 448 26.72 29.68 -9.85
C GLY A 448 27.56 29.49 -8.60
N TRP A 449 26.96 28.98 -7.52
CA TRP A 449 27.64 28.83 -6.24
C TRP A 449 28.10 27.40 -5.96
N MET A 450 27.33 26.40 -6.37
CA MET A 450 27.71 25.00 -6.19
C MET A 450 28.64 24.58 -7.32
N SER A 451 29.79 25.25 -7.39
CA SER A 451 30.73 25.10 -8.49
C SER A 451 32.16 25.23 -8.00
N SER A 452 33.07 24.56 -8.70
CA SER A 452 34.49 24.64 -8.42
C SER A 452 35.16 25.83 -9.09
N ASN A 453 34.43 26.62 -9.89
CA ASN A 453 34.98 27.80 -10.56
C ASN A 453 34.82 29.00 -9.62
N LYS A 454 35.90 29.34 -8.92
CA LYS A 454 35.84 30.45 -7.98
C LYS A 454 35.37 31.73 -8.66
N THR A 455 35.88 32.00 -9.86
CA THR A 455 35.47 33.20 -10.59
C THR A 455 33.96 33.26 -10.74
N LEU A 456 33.32 32.13 -11.01
CA LEU A 456 31.86 32.11 -11.13
C LEU A 456 31.20 32.28 -9.76
N ARG A 457 31.77 31.66 -8.72
CA ARG A 457 31.22 31.83 -7.38
C ARG A 457 31.21 33.31 -6.99
N THR A 458 32.33 34.00 -7.22
CA THR A 458 32.38 35.43 -6.97
C THR A 458 31.37 36.17 -7.85
N LEU A 459 31.43 35.92 -9.15
CA LEU A 459 30.48 36.55 -10.08
C LEU A 459 29.04 36.37 -9.61
N THR A 460 28.73 35.21 -9.06
CA THR A 460 27.36 34.94 -8.61
C THR A 460 27.02 35.75 -7.37
N SER A 461 27.96 35.87 -6.44
CA SER A 461 27.70 36.67 -5.24
C SER A 461 27.56 38.15 -5.58
N GLU A 462 28.45 38.67 -6.43
CA GLU A 462 28.31 40.05 -6.90
C GLU A 462 26.89 40.30 -7.40
N ARG A 463 26.40 39.41 -8.26
CA ARG A 463 25.02 39.54 -8.73
C ARG A 463 24.04 39.47 -7.57
N ALA A 464 24.29 38.57 -6.61
CA ALA A 464 23.42 38.48 -5.45
C ALA A 464 23.44 39.76 -4.64
N GLU A 465 24.59 40.44 -4.59
CA GLU A 465 24.67 41.73 -3.92
C GLU A 465 23.91 42.79 -4.71
N GLN A 466 24.15 42.86 -6.02
CA GLN A 466 23.45 43.84 -6.85
C GLN A 466 21.94 43.69 -6.75
N LEU A 467 21.44 42.45 -6.74
CA LEU A 467 20.00 42.24 -6.59
C LEU A 467 19.52 42.66 -5.20
N SER A 468 20.34 42.47 -4.17
CA SER A 468 19.92 42.86 -2.84
C SER A 468 19.86 44.38 -2.71
N ASN A 469 20.81 45.08 -3.31
CA ASN A 469 20.77 46.55 -3.28
C ASN A 469 19.55 47.07 -4.01
N THR A 470 19.16 46.43 -5.13
CA THR A 470 17.93 46.81 -5.81
C THR A 470 16.74 46.71 -4.87
N LEU A 471 16.63 45.60 -4.13
CA LEU A 471 15.55 45.46 -3.17
C LEU A 471 15.63 46.52 -2.08
N LYS A 472 16.84 46.86 -1.63
CA LYS A 472 17.00 47.91 -0.64
C LYS A 472 16.46 49.23 -1.17
N LYS A 473 16.94 49.66 -2.34
CA LYS A 473 16.52 50.95 -2.89
C LYS A 473 15.02 51.01 -3.11
N ILE A 474 14.40 49.88 -3.49
CA ILE A 474 12.96 49.87 -3.69
C ILE A 474 12.24 50.22 -2.40
N ALA A 475 12.62 49.57 -1.30
CA ALA A 475 11.95 49.83 -0.03
C ALA A 475 12.12 51.29 0.41
N THR A 476 13.25 51.90 0.09
CA THR A 476 13.50 53.27 0.51
C THR A 476 12.72 54.27 -0.33
N THR A 477 12.79 54.14 -1.66
CA THR A 477 12.32 55.18 -2.57
C THR A 477 10.96 54.87 -3.19
N GLU A 478 10.30 53.79 -2.75
CA GLU A 478 9.01 53.42 -3.30
C GLU A 478 7.96 53.39 -2.20
N THR A 479 6.81 53.95 -2.49
CA THR A 479 5.71 54.08 -1.54
C THR A 479 4.46 53.48 -2.15
N PHE A 480 3.61 52.89 -1.30
CA PHE A 480 2.38 52.26 -1.74
C PHE A 480 1.23 52.68 -0.83
N ALA A 481 0.02 52.40 -1.28
CA ALA A 481 -1.17 52.90 -0.59
C ALA A 481 -1.51 52.08 0.64
N ASN A 482 -1.65 50.76 0.48
CA ASN A 482 -2.17 49.92 1.56
C ASN A 482 -1.09 49.33 2.46
N PHE A 483 0.19 49.65 2.23
CA PHE A 483 1.24 49.16 3.11
C PHE A 483 2.51 49.96 2.87
N ASP A 484 3.43 49.87 3.82
CA ASP A 484 4.77 50.42 3.70
C ASP A 484 5.77 49.30 3.41
N LEU A 485 6.96 49.71 2.97
CA LEU A 485 7.95 48.80 2.42
C LEU A 485 9.25 48.94 3.18
N PHE A 486 9.82 47.81 3.60
CA PHE A 486 11.08 47.78 4.33
C PHE A 486 11.99 46.72 3.73
N TYR A 487 13.27 46.78 4.10
CA TYR A 487 14.27 45.84 3.61
C TYR A 487 15.19 45.43 4.75
N VAL A 488 15.34 44.12 4.94
CA VAL A 488 16.33 43.55 5.83
C VAL A 488 17.16 42.56 5.04
N ASP A 489 18.49 42.69 5.11
CA ASP A 489 19.37 41.81 4.37
C ASP A 489 19.47 40.45 5.06
N PHE A 490 20.01 39.47 4.33
CA PHE A 490 20.17 38.13 4.89
C PHE A 490 21.32 38.12 5.89
N ALA A 491 22.51 38.54 5.46
CA ALA A 491 23.69 38.60 6.32
C ALA A 491 23.95 37.24 6.96
N PHE A 492 24.31 36.29 6.10
CA PHE A 492 24.56 34.93 6.55
C PHE A 492 25.73 34.88 7.53
N HIS A 493 26.71 35.77 7.35
CA HIS A 493 27.86 35.79 8.26
C HIS A 493 27.42 36.07 9.69
N GLU A 494 26.40 36.92 9.88
CA GLU A 494 25.89 37.17 11.22
C GLU A 494 25.31 35.90 11.83
N ILE A 495 24.56 35.12 11.05
CA ILE A 495 23.99 33.89 11.56
C ILE A 495 25.08 32.88 11.88
N ILE A 496 26.19 32.91 11.12
CA ILE A 496 27.28 31.98 11.41
C ILE A 496 27.94 32.35 12.73
N GLU A 497 28.17 33.64 12.97
CA GLU A 497 28.73 34.08 14.24
C GLU A 497 27.84 33.64 15.40
N ASP A 498 26.52 33.81 15.26
CA ASP A 498 25.60 33.33 16.28
C ASP A 498 25.72 31.83 16.46
N TRP A 499 26.02 31.12 15.36
CA TRP A 499 26.13 29.66 15.43
C TRP A 499 27.45 29.20 16.02
N GLN A 500 28.52 29.97 15.82
CA GLN A 500 29.83 29.56 16.33
C GLN A 500 29.97 29.85 17.81
N LYS A 501 29.35 30.92 18.31
CA LYS A 501 29.34 31.16 19.75
C LYS A 501 28.59 30.05 20.48
N ARG A 502 27.62 29.43 19.81
CA ARG A 502 26.85 28.33 20.38
C ARG A 502 27.60 27.01 20.37
N GLY A 503 28.80 26.97 19.77
CA GLY A 503 29.61 25.78 19.73
C GLY A 503 29.46 24.96 18.47
N GLY A 504 28.68 25.45 17.49
CA GLY A 504 28.46 24.71 16.26
C GLY A 504 29.44 25.09 15.16
N GLN A 505 29.44 24.26 14.11
CA GLN A 505 30.28 24.49 12.94
C GLN A 505 29.43 25.00 11.78
N PRO A 506 29.98 25.86 10.91
CA PRO A 506 29.16 26.41 9.83
C PRO A 506 28.50 25.37 8.94
N TRP A 507 29.20 24.28 8.62
CA TRP A 507 28.63 23.26 7.74
C TRP A 507 27.38 22.63 8.31
N GLN A 508 27.12 22.80 9.60
CA GLN A 508 25.91 22.27 10.24
C GLN A 508 24.69 23.12 9.97
N LEU A 509 24.79 24.14 9.11
CA LEU A 509 23.68 25.03 8.79
C LEU A 509 23.09 24.77 7.41
N ILE A 510 23.52 23.72 6.72
CA ILE A 510 23.08 23.43 5.37
C ILE A 510 22.44 22.05 5.35
N GLU A 511 21.40 21.90 4.53
CA GLU A 511 20.76 20.61 4.37
C GLU A 511 21.78 19.58 3.90
N PRO A 512 21.98 18.48 4.63
CA PRO A 512 23.04 17.54 4.25
C PRO A 512 22.87 16.95 2.85
N VAL A 513 21.65 16.62 2.46
CA VAL A 513 21.45 15.82 1.24
C VAL A 513 21.68 16.67 -0.01
N ASP A 514 21.10 17.87 -0.05
CA ASP A 514 21.25 18.72 -1.23
C ASP A 514 22.42 19.68 -1.13
N GLY A 515 22.96 19.90 0.06
CA GLY A 515 24.10 20.80 0.20
C GLY A 515 23.86 22.16 -0.39
N PHE A 516 22.63 22.67 -0.25
CA PHE A 516 22.23 23.91 -0.93
C PHE A 516 21.39 24.78 -0.01
N HIS A 517 20.22 24.27 0.41
CA HIS A 517 19.31 25.07 1.22
C HIS A 517 19.82 25.18 2.65
N PRO A 518 19.47 26.25 3.37
CA PRO A 518 19.67 26.26 4.82
C PRO A 518 18.71 25.31 5.50
N ASN A 519 19.18 24.71 6.60
CA ASN A 519 18.39 23.73 7.32
C ASN A 519 17.52 24.44 8.36
N GLU A 520 16.74 23.63 9.10
CA GLU A 520 15.80 24.17 10.07
C GLU A 520 16.47 25.14 11.04
N VAL A 521 17.69 24.82 11.48
CA VAL A 521 18.39 25.68 12.42
C VAL A 521 18.69 27.04 11.78
N ALA A 522 19.35 27.03 10.63
CA ALA A 522 19.71 28.29 9.97
C ALA A 522 18.48 29.14 9.73
N SER A 523 17.38 28.52 9.32
CA SER A 523 16.15 29.26 9.04
C SER A 523 15.66 29.99 10.28
N LEU A 524 15.77 29.36 11.47
CA LEU A 524 15.29 29.99 12.69
C LEU A 524 16.21 31.10 13.15
N LEU A 525 17.53 30.88 13.10
CA LEU A 525 18.45 31.96 13.44
C LEU A 525 18.26 33.16 12.53
N GLN A 526 17.86 32.93 11.28
CA GLN A 526 17.52 34.03 10.38
C GLN A 526 16.24 34.70 10.83
N ALA A 527 15.16 33.94 10.96
CA ALA A 527 13.90 34.50 11.43
C ALA A 527 14.08 35.26 12.73
N ASN A 528 14.90 34.72 13.65
CA ASN A 528 15.22 35.44 14.87
C ASN A 528 15.98 36.72 14.56
N ARG A 529 17.04 36.62 13.75
CA ARG A 529 17.82 37.79 13.39
C ARG A 529 16.95 38.84 12.69
N VAL A 530 15.93 38.40 11.96
CA VAL A 530 15.02 39.32 11.29
C VAL A 530 14.04 39.93 12.28
N TRP A 531 13.39 39.08 13.08
CA TRP A 531 12.40 39.56 14.05
C TRP A 531 13.00 40.62 14.97
N GLU A 532 14.21 40.37 15.48
CA GLU A 532 14.85 41.35 16.35
C GLU A 532 15.05 42.68 15.63
N LYS A 533 15.41 42.64 14.34
CA LYS A 533 15.73 43.86 13.63
C LYS A 533 14.49 44.71 13.38
N ILE A 534 13.42 44.08 12.89
CA ILE A 534 12.16 44.80 12.70
C ILE A 534 11.68 45.39 14.02
N GLN A 535 11.85 44.66 15.11
CA GLN A 535 11.44 45.16 16.42
C GLN A 535 12.18 46.44 16.78
N LEU A 536 13.50 46.46 16.58
CA LEU A 536 14.30 47.60 17.03
C LEU A 536 14.10 48.85 16.17
N GLN A 537 13.52 48.72 14.98
CA GLN A 537 13.45 49.85 14.07
C GLN A 537 12.03 50.11 13.57
N TRP A 538 11.22 49.05 13.42
CA TRP A 538 9.86 49.18 12.89
C TRP A 538 8.90 48.33 13.72
N PRO A 539 8.79 48.61 15.02
CA PRO A 539 7.93 47.78 15.88
C PRO A 539 6.46 47.80 15.48
N HIS A 540 6.01 48.83 14.76
CA HIS A 540 4.60 48.90 14.37
C HIS A 540 4.23 47.79 13.40
N VAL A 541 5.20 47.25 12.65
CA VAL A 541 4.92 46.12 11.77
C VAL A 541 4.38 44.96 12.57
N LEU A 542 5.08 44.59 13.65
CA LEU A 542 4.67 43.48 14.49
C LEU A 542 3.51 43.87 15.39
N GLY A 543 3.49 45.11 15.85
CA GLY A 543 2.46 45.59 16.75
C GLY A 543 2.99 45.71 18.16
N LYS A 544 2.10 45.62 19.15
CA LYS A 544 2.49 45.58 20.55
C LYS A 544 1.67 44.50 21.24
N GLU A 545 2.23 43.96 22.33
CA GLU A 545 1.62 42.80 22.96
C GLU A 545 0.19 43.10 23.41
N ASN A 546 -0.69 42.14 23.17
CA ASN A 546 -2.08 42.24 23.59
C ASN A 546 -2.18 41.80 25.06
N PRO A 547 -2.66 42.65 25.98
CA PRO A 547 -2.68 42.25 27.40
C PRO A 547 -3.72 41.20 27.74
N PHE A 548 -4.59 40.81 26.80
CA PHE A 548 -5.57 39.76 27.07
C PHE A 548 -5.01 38.36 26.88
N ASN A 549 -3.78 38.23 26.37
CA ASN A 549 -3.16 36.92 26.19
C ASN A 549 -3.41 36.01 27.40
N SER A 550 -2.97 36.46 28.57
CA SER A 550 -3.24 35.72 29.80
C SER A 550 -4.73 35.45 29.96
N GLN A 551 -5.57 36.46 29.73
CA GLN A 551 -7.00 36.27 29.82
C GLN A 551 -7.51 35.32 28.75
N ILE A 552 -6.83 35.26 27.59
CA ILE A 552 -7.18 34.26 26.59
C ILE A 552 -6.60 32.90 26.96
N GLU A 553 -5.38 32.90 27.52
CA GLU A 553 -4.81 31.66 28.03
C GLU A 553 -5.66 31.08 29.14
N GLU A 554 -6.11 31.93 30.07
CA GLU A 554 -6.93 31.44 31.19
C GLU A 554 -8.21 30.79 30.71
N VAL A 555 -8.83 31.34 29.67
CA VAL A 555 -10.16 30.91 29.26
C VAL A 555 -10.10 29.81 28.20
N PHE A 556 -9.23 29.94 27.20
CA PHE A 556 -9.27 29.06 26.04
C PHE A 556 -8.11 28.08 25.95
N GLY A 557 -6.95 28.40 26.51
CA GLY A 557 -5.83 27.48 26.47
C GLY A 557 -5.18 27.35 25.10
N ASP A 558 -5.16 26.13 24.56
CA ASP A 558 -4.50 25.89 23.28
C ASP A 558 -5.30 26.38 22.09
N GLN A 559 -6.60 26.65 22.27
CA GLN A 559 -7.43 27.23 21.21
C GLN A 559 -7.62 26.26 20.05
N GLY A 560 -7.77 24.97 20.37
CA GLY A 560 -7.96 23.97 19.35
C GLY A 560 -6.71 23.52 18.64
N GLY A 561 -5.54 24.01 19.04
CA GLY A 561 -4.30 23.61 18.40
C GLY A 561 -4.21 24.10 16.97
N HIS A 562 -3.42 23.37 16.18
CA HIS A 562 -3.18 23.71 14.78
C HIS A 562 -3.57 22.56 13.86
N SER B 23 -15.64 -13.09 -20.35
CA SER B 23 -16.96 -13.53 -20.79
C SER B 23 -18.05 -12.70 -20.14
N HIS B 24 -19.30 -12.93 -20.56
CA HIS B 24 -20.42 -12.20 -20.01
C HIS B 24 -20.94 -12.81 -18.71
N GLY B 25 -20.73 -14.11 -18.52
CA GLY B 25 -21.18 -14.76 -17.30
C GLY B 25 -20.64 -14.05 -16.07
N GLN B 26 -19.32 -13.97 -15.96
CA GLN B 26 -18.72 -13.35 -14.78
C GLN B 26 -19.11 -11.88 -14.68
N SER B 27 -19.08 -11.16 -15.81
CA SER B 27 -19.42 -9.74 -15.79
C SER B 27 -20.85 -9.53 -15.31
N CYS B 28 -21.81 -10.27 -15.91
CA CYS B 28 -23.20 -10.14 -15.49
C CYS B 28 -23.37 -10.48 -14.03
N LEU B 29 -22.73 -11.55 -13.56
CA LEU B 29 -22.81 -11.91 -12.15
C LEU B 29 -22.22 -10.80 -11.28
N GLY B 30 -21.01 -10.36 -11.60
CA GLY B 30 -20.38 -9.30 -10.81
C GLY B 30 -21.23 -8.05 -10.77
N CYS B 31 -21.82 -7.67 -11.90
CA CYS B 31 -22.64 -6.46 -11.93
C CYS B 31 -23.86 -6.60 -11.03
N VAL B 32 -24.54 -7.74 -11.11
CA VAL B 32 -25.73 -7.95 -10.29
C VAL B 32 -25.37 -7.99 -8.81
N VAL B 33 -24.20 -8.53 -8.47
CA VAL B 33 -23.78 -8.58 -7.07
C VAL B 33 -23.53 -7.18 -6.54
N LEU B 34 -22.79 -6.36 -7.30
CA LEU B 34 -22.44 -5.02 -6.81
C LEU B 34 -23.67 -4.12 -6.73
N VAL B 35 -24.44 -4.04 -7.82
CA VAL B 35 -25.63 -3.20 -7.81
C VAL B 35 -26.55 -3.62 -6.67
N SER B 36 -26.60 -4.91 -6.36
CA SER B 36 -27.40 -5.39 -5.24
C SER B 36 -26.86 -4.82 -3.92
N VAL B 37 -25.56 -5.00 -3.67
CA VAL B 37 -24.96 -4.45 -2.46
C VAL B 37 -25.29 -2.97 -2.32
N ILE B 38 -25.15 -2.22 -3.42
CA ILE B 38 -25.46 -0.79 -3.39
C ILE B 38 -26.91 -0.58 -2.98
N GLU B 39 -27.85 -1.22 -3.70
CA GLU B 39 -29.26 -1.10 -3.36
C GLU B 39 -29.50 -1.41 -1.89
N GLN B 40 -28.84 -2.46 -1.38
CA GLN B 40 -29.11 -2.91 -0.02
C GLN B 40 -28.43 -2.04 1.02
N LEU B 41 -27.22 -1.53 0.73
CA LEU B 41 -26.58 -0.60 1.65
C LEU B 41 -27.38 0.69 1.78
N ALA B 42 -27.99 1.13 0.68
CA ALA B 42 -28.87 2.29 0.74
C ALA B 42 -30.06 2.04 1.65
N GLU B 43 -30.64 0.84 1.57
CA GLU B 43 -31.82 0.53 2.37
C GLU B 43 -31.46 0.35 3.84
N VAL B 44 -30.35 -0.33 4.13
CA VAL B 44 -29.97 -0.60 5.51
C VAL B 44 -29.77 0.69 6.28
N HIS B 45 -29.21 1.71 5.62
CA HIS B 45 -28.92 2.99 6.28
C HIS B 45 -29.90 4.09 5.90
N ASN B 46 -30.97 3.77 5.16
CA ASN B 46 -31.97 4.75 4.76
C ASN B 46 -31.31 5.96 4.11
N SER B 47 -30.26 5.71 3.34
CA SER B 47 -29.48 6.74 2.68
C SER B 47 -29.82 6.78 1.20
N SER B 48 -29.21 7.73 0.49
CA SER B 48 -29.35 7.79 -0.95
C SER B 48 -28.39 6.82 -1.61
N VAL B 49 -28.57 6.64 -2.93
CA VAL B 49 -27.69 5.75 -3.68
C VAL B 49 -26.29 6.33 -3.76
N GLN B 50 -26.18 7.66 -3.80
CA GLN B 50 -24.87 8.29 -3.79
C GLN B 50 -24.11 7.95 -2.51
N VAL B 51 -24.78 8.09 -1.36
CA VAL B 51 -24.12 7.81 -0.08
C VAL B 51 -23.73 6.34 0.01
N ALA B 52 -24.53 5.45 -0.58
CA ALA B 52 -24.22 4.02 -0.51
C ALA B 52 -22.96 3.69 -1.29
N MET B 53 -22.81 4.23 -2.50
CA MET B 53 -21.63 3.95 -3.31
C MET B 53 -20.38 4.49 -2.64
N GLU B 54 -20.45 5.69 -2.08
CA GLU B 54 -19.32 6.23 -1.32
C GLU B 54 -19.09 5.39 -0.07
N ARG B 55 -20.15 4.91 0.56
CA ARG B 55 -20.00 4.07 1.75
C ARG B 55 -19.40 2.71 1.40
N LEU B 56 -19.74 2.17 0.23
CA LEU B 56 -19.15 0.90 -0.18
C LEU B 56 -17.64 1.02 -0.34
N CYS B 57 -17.20 2.00 -1.14
CA CYS B 57 -15.76 2.20 -1.32
C CYS B 57 -15.08 2.47 0.02
N SER B 58 -15.76 3.21 0.90
CA SER B 58 -15.21 3.49 2.23
C SER B 58 -14.74 2.21 2.92
N TYR B 59 -15.45 1.11 2.70
CA TYR B 59 -15.14 -0.15 3.36
C TYR B 59 -13.97 -0.89 2.71
N LEU B 60 -13.69 -0.62 1.44
CA LEU B 60 -12.68 -1.39 0.73
C LEU B 60 -11.27 -0.93 1.11
N PRO B 61 -10.30 -1.84 1.14
CA PRO B 61 -8.94 -1.45 1.45
C PRO B 61 -8.24 -0.79 0.27
N GLU B 62 -7.15 -0.10 0.57
CA GLU B 62 -6.31 0.50 -0.47
C GLU B 62 -5.44 -0.55 -1.16
N LYS B 63 -5.16 -1.66 -0.49
CA LYS B 63 -4.33 -2.71 -1.08
C LYS B 63 -4.98 -3.23 -2.36
N LEU B 64 -4.14 -3.61 -3.32
CA LEU B 64 -4.58 -4.10 -4.63
C LEU B 64 -5.40 -3.06 -5.38
N PHE B 65 -5.36 -1.80 -4.97
CA PHE B 65 -6.06 -0.72 -5.66
C PHE B 65 -7.58 -0.91 -5.61
N LEU B 66 -8.08 -1.65 -4.62
CA LEU B 66 -9.51 -1.93 -4.55
C LEU B 66 -10.30 -0.65 -4.27
N LYS B 67 -9.95 0.07 -3.21
CA LYS B 67 -10.63 1.33 -2.94
C LYS B 67 -10.48 2.29 -4.10
N THR B 68 -9.34 2.22 -4.79
CA THR B 68 -9.15 3.05 -5.99
C THR B 68 -10.08 2.62 -7.10
N ALA B 69 -10.10 1.31 -7.41
CA ALA B 69 -10.97 0.81 -8.48
C ALA B 69 -12.42 1.12 -8.18
N CYS B 70 -12.80 1.08 -6.90
CA CYS B 70 -14.19 1.38 -6.52
C CYS B 70 -14.59 2.77 -6.97
N TYR B 71 -13.80 3.79 -6.58
CA TYR B 71 -14.18 5.17 -6.88
C TYR B 71 -14.24 5.44 -8.38
N PHE B 72 -13.38 4.80 -9.18
CA PHE B 72 -13.52 4.93 -10.62
C PHE B 72 -14.86 4.38 -11.09
N LEU B 73 -15.19 3.16 -10.68
CA LEU B 73 -16.46 2.58 -11.07
C LEU B 73 -17.63 3.46 -10.63
N VAL B 74 -17.58 3.97 -9.40
CA VAL B 74 -18.59 4.94 -8.96
C VAL B 74 -18.58 6.15 -9.88
N GLN B 75 -17.38 6.61 -10.25
CA GLN B 75 -17.28 7.77 -11.15
C GLN B 75 -17.87 7.44 -12.52
N THR B 76 -17.59 6.25 -13.05
CA THR B 76 -17.99 5.92 -14.41
C THR B 76 -19.49 5.62 -14.48
N PHE B 77 -20.01 4.83 -13.55
CA PHE B 77 -21.38 4.33 -13.62
C PHE B 77 -22.31 4.97 -12.60
N GLY B 78 -21.79 5.71 -11.62
CA GLY B 78 -22.62 6.19 -10.54
C GLY B 78 -23.86 6.92 -11.03
N SER B 79 -23.69 7.84 -11.98
CA SER B 79 -24.82 8.64 -12.45
C SER B 79 -25.93 7.75 -13.00
N ASP B 80 -25.57 6.73 -13.79
CA ASP B 80 -26.59 5.84 -14.34
C ASP B 80 -27.23 5.01 -13.23
N ILE B 81 -26.43 4.48 -12.31
CA ILE B 81 -26.99 3.64 -11.25
C ILE B 81 -27.97 4.42 -10.39
N ILE B 82 -27.65 5.68 -10.08
CA ILE B 82 -28.52 6.47 -9.22
C ILE B 82 -29.86 6.71 -9.89
N LYS B 83 -29.84 6.91 -11.22
CA LYS B 83 -31.09 7.15 -11.93
C LYS B 83 -31.94 5.88 -12.01
N LEU B 84 -31.30 4.73 -12.16
CA LEU B 84 -32.03 3.47 -12.30
C LEU B 84 -32.56 2.97 -10.98
N LEU B 85 -31.72 2.97 -9.93
CA LEU B 85 -32.20 2.54 -8.62
C LEU B 85 -33.21 3.51 -8.03
N ASP B 86 -33.08 4.82 -8.34
CA ASP B 86 -34.09 5.77 -7.90
C ASP B 86 -35.45 5.52 -8.56
N GLU B 87 -35.47 4.78 -9.66
CA GLU B 87 -36.71 4.38 -10.30
C GLU B 87 -37.22 3.02 -9.80
N ALA B 88 -36.67 2.52 -8.70
CA ALA B 88 -37.07 1.26 -8.08
C ALA B 88 -36.69 0.05 -8.91
N MET B 89 -35.85 0.21 -9.93
CA MET B 89 -35.44 -0.91 -10.76
C MET B 89 -34.50 -1.83 -9.99
N LYS B 90 -34.57 -3.12 -10.30
CA LYS B 90 -33.79 -4.13 -9.62
C LYS B 90 -32.45 -4.34 -10.32
N ALA B 91 -31.57 -5.08 -9.64
CA ALA B 91 -30.21 -5.27 -10.15
C ALA B 91 -30.22 -5.88 -11.54
N ASP B 92 -31.11 -6.85 -11.79
CA ASP B 92 -31.11 -7.54 -13.09
C ASP B 92 -31.35 -6.55 -14.22
N VAL B 93 -32.36 -5.69 -14.08
CA VAL B 93 -32.68 -4.76 -15.15
C VAL B 93 -31.54 -3.77 -15.35
N VAL B 94 -30.95 -3.30 -14.26
CA VAL B 94 -29.84 -2.35 -14.35
C VAL B 94 -28.70 -2.93 -15.17
N CYS B 95 -28.27 -4.15 -14.83
CA CYS B 95 -27.12 -4.75 -15.48
C CYS B 95 -27.42 -5.20 -16.91
N TYR B 96 -28.68 -5.44 -17.24
CA TYR B 96 -29.06 -5.67 -18.64
C TYR B 96 -29.11 -4.37 -19.42
N ALA B 97 -29.49 -3.27 -18.77
CA ALA B 97 -29.48 -1.97 -19.42
C ALA B 97 -28.05 -1.48 -19.62
N LEU B 98 -27.20 -1.64 -18.61
CA LEU B 98 -25.79 -1.28 -18.75
C LEU B 98 -25.01 -2.28 -19.61
N GLU B 99 -25.68 -3.28 -20.17
CA GLU B 99 -25.07 -4.24 -21.09
C GLU B 99 -23.99 -5.09 -20.43
N PHE B 100 -23.95 -5.15 -19.10
CA PHE B 100 -23.11 -6.13 -18.43
C PHE B 100 -23.67 -7.53 -18.57
N CYS B 101 -24.98 -7.65 -18.80
CA CYS B 101 -25.65 -8.89 -19.14
C CYS B 101 -26.19 -8.79 -20.55
N LYS B 102 -26.09 -9.86 -21.32
CA LYS B 102 -26.47 -9.83 -22.73
C LYS B 102 -27.64 -10.77 -22.96
N ARG B 103 -28.22 -10.66 -24.15
CA ARG B 103 -29.33 -11.51 -24.54
C ARG B 103 -28.86 -12.93 -24.81
N GLY B 104 -29.79 -13.87 -24.73
CA GLY B 104 -29.55 -15.26 -25.09
C GLY B 104 -30.68 -15.81 -25.91
N ALA B 105 -30.36 -16.53 -26.99
CA ALA B 105 -31.41 -17.05 -27.87
C ALA B 105 -32.36 -17.96 -27.10
N VAL B 106 -31.82 -18.91 -26.35
CA VAL B 106 -32.65 -19.86 -25.62
C VAL B 106 -33.57 -19.11 -24.65
N GLN B 107 -33.01 -18.16 -23.90
CA GLN B 107 -33.75 -17.41 -22.91
C GLN B 107 -33.45 -15.93 -23.07
N PRO B 108 -34.47 -15.07 -23.20
CA PRO B 108 -34.19 -13.63 -23.37
C PRO B 108 -33.64 -12.97 -22.13
N GLN B 109 -33.80 -13.55 -20.94
CA GLN B 109 -33.30 -12.93 -19.72
C GLN B 109 -32.97 -13.98 -18.67
N CYS B 110 -31.86 -13.75 -17.97
CA CYS B 110 -31.58 -14.35 -16.67
C CYS B 110 -31.91 -13.32 -15.59
N HIS B 111 -32.15 -13.82 -14.37
CA HIS B 111 -32.52 -12.91 -13.30
C HIS B 111 -32.33 -13.61 -11.95
N LEU B 112 -31.89 -12.83 -10.96
CA LEU B 112 -31.71 -13.31 -9.59
C LEU B 112 -32.82 -12.90 -8.66
N TYR B 113 -33.44 -11.75 -8.92
CA TYR B 113 -34.54 -11.18 -8.16
C TYR B 113 -35.84 -11.32 -8.92
N PRO B 114 -36.98 -11.36 -8.24
CA PRO B 114 -38.25 -11.60 -8.94
C PRO B 114 -38.47 -10.62 -10.08
N LEU B 115 -38.81 -11.17 -11.24
CA LEU B 115 -38.91 -10.38 -12.46
C LEU B 115 -39.95 -9.27 -12.29
N PRO B 116 -39.82 -8.19 -13.06
CA PRO B 116 -40.87 -7.15 -13.04
C PRO B 116 -42.19 -7.72 -13.52
N GLN B 117 -43.29 -7.13 -13.04
CA GLN B 117 -44.63 -7.55 -13.46
C GLN B 117 -45.04 -6.76 -14.70
N GLU B 118 -44.36 -7.09 -15.80
CA GLU B 118 -44.60 -6.53 -17.12
C GLU B 118 -43.58 -7.16 -18.06
N ALA B 119 -43.89 -7.11 -19.36
CA ALA B 119 -43.00 -7.70 -20.35
C ALA B 119 -41.57 -7.20 -20.16
N TRP B 120 -40.62 -8.14 -20.20
CA TRP B 120 -39.22 -7.78 -20.03
C TRP B 120 -38.79 -6.69 -21.00
N GLU B 121 -39.23 -6.77 -22.26
CA GLU B 121 -38.91 -5.72 -23.22
C GLU B 121 -39.54 -4.39 -22.83
N SER B 122 -40.60 -4.39 -22.03
CA SER B 122 -41.19 -3.15 -21.56
C SER B 122 -40.42 -2.59 -20.37
N ALA B 123 -40.01 -3.45 -19.43
CA ALA B 123 -39.20 -3.00 -18.31
C ALA B 123 -37.83 -2.52 -18.77
N LEU B 124 -37.25 -3.21 -19.77
CA LEU B 124 -35.95 -2.80 -20.28
C LEU B 124 -36.03 -1.45 -20.99
N GLU B 125 -37.07 -1.24 -21.81
CA GLU B 125 -37.23 0.04 -22.49
C GLU B 125 -37.41 1.17 -21.49
N LYS B 126 -38.05 0.91 -20.35
CA LYS B 126 -38.12 1.93 -19.30
C LYS B 126 -36.72 2.31 -18.81
N ALA B 127 -35.81 1.34 -18.77
CA ALA B 127 -34.44 1.63 -18.35
C ALA B 127 -33.65 2.33 -19.44
N ARG B 128 -33.84 1.92 -20.70
CA ARG B 128 -33.16 2.59 -21.80
C ARG B 128 -33.61 4.04 -21.92
N GLN B 129 -34.89 4.32 -21.66
CA GLN B 129 -35.36 5.70 -21.68
C GLN B 129 -34.66 6.54 -20.63
N VAL B 130 -34.41 5.97 -19.46
CA VAL B 130 -33.71 6.70 -18.40
C VAL B 130 -32.29 7.04 -18.84
N LEU B 131 -31.59 6.06 -19.42
CA LEU B 131 -30.20 6.29 -19.83
C LEU B 131 -30.09 7.21 -21.04
N ARG B 132 -31.20 7.52 -21.72
CA ARG B 132 -31.20 8.56 -22.73
C ARG B 132 -31.37 9.96 -22.13
N ARG B 133 -31.35 10.06 -20.79
CA ARG B 133 -31.52 11.34 -20.12
C ARG B 133 -32.84 11.98 -20.53
N ILE B 146 -5.67 -4.30 -18.27
CA ILE B 146 -4.75 -3.42 -17.57
C ILE B 146 -3.37 -4.06 -17.51
N CYS B 147 -3.32 -5.40 -17.61
CA CYS B 147 -2.00 -6.05 -17.74
C CYS B 147 -1.38 -5.84 -19.10
N SER B 148 -1.98 -5.04 -19.98
CA SER B 148 -1.40 -4.80 -21.29
C SER B 148 -0.25 -3.81 -21.24
N LEU B 149 -0.20 -2.95 -20.22
CA LEU B 149 0.85 -1.96 -20.13
C LEU B 149 2.22 -2.64 -20.09
N PRO B 150 3.22 -2.11 -20.81
CA PRO B 150 4.53 -2.78 -20.84
C PRO B 150 5.18 -2.93 -19.48
N PHE B 151 4.90 -2.04 -18.52
CA PHE B 151 5.57 -2.12 -17.24
C PHE B 151 4.92 -3.12 -16.30
N LEU B 152 3.66 -3.49 -16.55
CA LEU B 152 2.98 -4.53 -15.79
C LEU B 152 2.77 -5.80 -16.59
N THR B 153 3.06 -5.79 -17.90
CA THR B 153 2.81 -6.97 -18.73
C THR B 153 3.66 -8.14 -18.26
N LYS B 154 4.93 -7.88 -17.96
CA LYS B 154 5.88 -8.96 -17.70
C LYS B 154 5.58 -9.64 -16.37
N ILE B 155 5.25 -8.86 -15.34
CA ILE B 155 4.94 -9.44 -14.03
C ILE B 155 3.62 -10.20 -14.08
N CYS B 156 2.63 -9.67 -14.82
CA CYS B 156 1.38 -10.40 -15.01
C CYS B 156 1.64 -11.78 -15.59
N GLN B 157 2.52 -11.88 -16.58
CA GLN B 157 2.84 -13.17 -17.18
C GLN B 157 3.38 -14.14 -16.13
N LYS B 158 4.19 -13.65 -15.20
CA LYS B 158 4.78 -14.54 -14.20
C LYS B 158 3.78 -14.89 -13.10
N ILE B 159 2.84 -13.99 -12.78
CA ILE B 159 1.82 -14.32 -11.80
C ILE B 159 0.91 -15.43 -12.33
N GLU B 160 0.45 -15.28 -13.57
CA GLU B 160 -0.40 -16.30 -14.18
C GLU B 160 0.28 -17.67 -14.15
N LEU B 161 1.59 -17.70 -14.45
CA LEU B 161 2.30 -18.97 -14.52
C LEU B 161 2.41 -19.62 -13.15
N SER B 162 2.64 -18.81 -12.10
CA SER B 162 2.68 -19.36 -10.75
C SER B 162 1.34 -19.97 -10.37
N ILE B 163 0.24 -19.36 -10.81
CA ILE B 163 -1.09 -19.88 -10.48
C ILE B 163 -1.37 -21.16 -11.26
N LYS B 164 -1.25 -21.10 -12.59
CA LYS B 164 -1.53 -22.28 -13.41
C LYS B 164 -0.69 -23.47 -12.96
N LYS B 165 0.57 -23.23 -12.62
CA LYS B 165 1.46 -24.31 -12.21
C LYS B 165 1.32 -24.67 -10.75
N ALA B 166 0.57 -23.89 -9.96
CA ALA B 166 0.41 -24.15 -8.54
C ALA B 166 1.76 -24.09 -7.81
N VAL B 167 2.56 -23.07 -8.14
CA VAL B 167 3.87 -22.89 -7.52
C VAL B 167 3.96 -21.46 -6.99
N PRO B 168 4.71 -21.21 -5.92
CA PRO B 168 4.77 -19.86 -5.35
C PRO B 168 5.38 -18.86 -6.32
N PHE B 169 4.74 -17.69 -6.40
CA PHE B 169 5.29 -16.59 -7.19
C PHE B 169 6.52 -15.99 -6.54
N LYS B 170 6.58 -16.01 -5.20
CA LYS B 170 7.74 -15.53 -4.45
C LYS B 170 8.55 -16.75 -4.04
N ASP B 171 9.57 -17.08 -4.83
CA ASP B 171 10.37 -18.28 -4.60
C ASP B 171 11.66 -18.13 -5.42
N VAL B 172 12.66 -17.50 -4.81
CA VAL B 172 13.88 -17.17 -5.53
C VAL B 172 14.63 -18.43 -5.94
N ASP B 173 14.76 -19.40 -5.02
CA ASP B 173 15.52 -20.61 -5.29
C ASP B 173 14.73 -21.66 -6.07
N SER B 174 13.44 -21.46 -6.26
CA SER B 174 12.61 -22.38 -7.05
C SER B 174 12.58 -23.79 -6.45
N ASP B 175 12.61 -23.88 -5.11
CA ASP B 175 12.37 -25.15 -4.44
C ASP B 175 10.89 -25.36 -4.13
N LYS B 176 10.03 -24.43 -4.55
CA LYS B 176 8.57 -24.54 -4.50
C LYS B 176 8.02 -24.31 -3.09
N HIS B 177 8.84 -23.83 -2.16
CA HIS B 177 8.38 -23.34 -0.87
C HIS B 177 8.72 -21.86 -0.76
N SER B 178 7.85 -21.09 -0.11
CA SER B 178 7.95 -19.64 -0.12
C SER B 178 8.07 -19.09 1.30
N VAL B 179 8.50 -17.83 1.36
CA VAL B 179 8.47 -17.05 2.60
C VAL B 179 7.27 -16.12 2.67
N PHE B 180 6.46 -16.05 1.56
CA PHE B 180 5.29 -15.20 1.36
C PHE B 180 4.03 -15.97 1.72
N PRO B 181 2.99 -15.33 2.30
CA PRO B 181 1.80 -16.10 2.69
C PRO B 181 0.96 -16.58 1.52
N THR B 182 0.57 -15.66 0.63
CA THR B 182 -0.35 -15.96 -0.43
C THR B 182 0.41 -16.19 -1.74
N LEU B 183 -0.27 -16.08 -2.87
CA LEU B 183 0.31 -16.39 -4.18
C LEU B 183 1.01 -17.74 -4.14
N ARG B 184 0.26 -18.76 -3.73
CA ARG B 184 0.80 -20.12 -3.56
C ARG B 184 1.96 -20.12 -2.57
N GLY B 185 1.97 -19.17 -1.64
CA GLY B 185 3.03 -19.04 -0.67
C GLY B 185 2.95 -20.09 0.43
N TYR B 186 3.33 -19.73 1.65
CA TYR B 186 3.39 -20.70 2.73
C TYR B 186 2.02 -21.01 3.34
N HIS B 187 0.95 -20.35 2.87
CA HIS B 187 -0.39 -20.79 3.24
C HIS B 187 -0.69 -22.19 2.73
N TRP B 188 -0.06 -22.56 1.60
CA TRP B 188 -0.28 -23.86 0.98
C TRP B 188 0.77 -24.89 1.35
N ARG B 189 2.01 -24.46 1.64
CA ARG B 189 3.09 -25.36 1.99
C ARG B 189 3.87 -24.74 3.14
N GLY B 190 4.71 -25.56 3.77
CA GLY B 190 5.57 -25.08 4.84
C GLY B 190 6.41 -23.88 4.42
N ARG B 191 6.55 -22.91 5.30
CA ARG B 191 7.33 -21.72 5.00
C ARG B 191 8.80 -22.08 4.82
N ASP B 192 9.48 -21.35 3.94
CA ASP B 192 10.89 -21.59 3.66
C ASP B 192 11.75 -20.72 4.57
N CYS B 193 12.68 -21.36 5.29
CA CYS B 193 13.54 -20.62 6.21
C CYS B 193 14.74 -20.02 5.49
N ASN B 194 15.29 -20.71 4.50
CA ASN B 194 16.40 -20.20 3.69
C ASN B 194 15.92 -20.16 2.25
N ASP B 195 15.37 -19.02 1.83
CA ASP B 195 14.87 -18.88 0.46
C ASP B 195 16.02 -18.82 -0.56
N SER B 196 17.23 -18.51 -0.11
CA SER B 196 18.38 -18.49 -1.01
C SER B 196 18.92 -19.88 -1.28
N ASP B 197 18.74 -20.82 -0.36
CA ASP B 197 19.28 -22.17 -0.46
C ASP B 197 18.20 -23.08 -1.04
N LYS B 198 18.41 -23.56 -2.26
CA LYS B 198 17.46 -24.47 -2.90
C LYS B 198 17.48 -25.87 -2.27
N THR B 199 18.46 -26.17 -1.43
CA THR B 199 18.54 -27.46 -0.76
C THR B 199 17.84 -27.46 0.59
N VAL B 200 17.29 -26.32 1.02
CA VAL B 200 16.62 -26.19 2.30
C VAL B 200 15.13 -26.03 2.03
N TYR B 201 14.34 -27.01 2.44
CA TYR B 201 12.89 -26.92 2.29
C TYR B 201 12.25 -27.94 3.23
N PRO B 202 11.05 -27.65 3.76
CA PRO B 202 10.38 -28.62 4.64
C PRO B 202 10.20 -29.98 3.98
N GLY B 203 10.22 -31.02 4.81
CA GLY B 203 10.08 -32.38 4.36
C GLY B 203 11.37 -33.06 3.94
N ARG B 204 12.47 -32.32 3.87
CA ARG B 204 13.75 -32.88 3.45
C ARG B 204 14.35 -33.74 4.57
N ARG B 205 15.03 -34.80 4.17
CA ARG B 205 15.74 -35.63 5.12
C ARG B 205 16.81 -34.80 5.82
N PRO B 206 17.09 -35.06 7.10
CA PRO B 206 18.00 -34.17 7.84
C PRO B 206 19.40 -34.14 7.22
N ASP B 207 19.82 -32.94 6.83
CA ASP B 207 21.13 -32.72 6.24
C ASP B 207 22.15 -32.50 7.35
N ASN B 208 23.00 -33.50 7.59
CA ASN B 208 23.95 -33.50 8.69
C ASN B 208 23.27 -33.31 10.04
N TRP B 209 21.96 -33.55 10.10
CA TRP B 209 21.21 -33.38 11.34
C TRP B 209 21.43 -31.99 11.92
N ASP B 210 21.53 -31.02 11.00
CA ASP B 210 21.52 -29.60 11.33
C ASP B 210 22.57 -29.27 12.39
N ILE B 211 23.82 -29.60 12.07
CA ILE B 211 24.94 -29.16 12.89
C ILE B 211 25.06 -27.64 12.81
N HIS B 212 24.94 -27.10 11.60
CA HIS B 212 25.13 -25.67 11.34
C HIS B 212 23.84 -24.94 11.05
N GLN B 213 22.94 -25.53 10.26
CA GLN B 213 21.77 -24.84 9.75
C GLN B 213 20.59 -25.79 9.72
N ASP B 214 19.39 -25.23 9.82
CA ASP B 214 18.16 -26.01 9.71
C ASP B 214 17.96 -26.43 8.26
N SER B 215 17.95 -27.74 8.02
CA SER B 215 17.89 -28.26 6.65
C SER B 215 16.46 -28.31 6.13
N ASN B 216 15.50 -28.67 6.99
CA ASN B 216 14.11 -28.83 6.60
C ASN B 216 13.19 -27.81 7.26
N CYS B 217 13.74 -26.65 7.66
CA CYS B 217 12.95 -25.56 8.23
C CYS B 217 11.99 -26.04 9.32
N ASN B 218 12.26 -27.20 9.93
CA ASN B 218 11.40 -27.73 10.97
C ASN B 218 11.76 -27.21 12.35
N GLY B 219 12.60 -26.17 12.43
CA GLY B 219 12.88 -25.50 13.68
C GLY B 219 13.88 -26.19 14.58
N ILE B 220 14.49 -27.29 14.15
CA ILE B 220 15.43 -28.05 14.97
C ILE B 220 16.81 -27.95 14.34
N TRP B 221 17.79 -27.50 15.11
CA TRP B 221 19.17 -27.43 14.67
C TRP B 221 20.07 -27.35 15.89
N GLY B 222 21.37 -27.47 15.64
CA GLY B 222 22.36 -27.38 16.69
C GLY B 222 22.75 -28.73 17.25
N ILE B 223 23.45 -28.69 18.39
CA ILE B 223 23.94 -29.88 19.06
C ILE B 223 23.78 -29.68 20.57
N ASP B 224 23.34 -30.73 21.25
CA ASP B 224 23.14 -30.65 22.70
C ASP B 224 24.48 -30.74 23.41
N PRO B 225 24.86 -29.74 24.22
CA PRO B 225 26.13 -29.86 24.97
C PRO B 225 26.13 -31.00 25.96
N LYS B 226 25.00 -31.24 26.64
CA LYS B 226 24.95 -32.23 27.71
C LYS B 226 25.42 -33.60 27.22
N ASP B 227 25.07 -33.97 25.99
CA ASP B 227 25.42 -35.26 25.43
C ASP B 227 26.34 -35.15 24.22
N GLY B 228 26.53 -33.95 23.66
CA GLY B 228 27.33 -33.77 22.47
C GLY B 228 26.78 -34.45 21.24
N ILE B 229 25.46 -34.67 21.19
CA ILE B 229 24.81 -35.29 20.05
C ILE B 229 23.94 -34.26 19.36
N PRO B 230 23.86 -34.22 18.04
CA PRO B 230 22.97 -33.28 17.37
C PRO B 230 21.54 -33.42 17.88
N TYR B 231 20.90 -32.27 18.15
CA TYR B 231 19.54 -32.28 18.66
C TYR B 231 18.60 -33.07 17.76
N GLU B 232 18.77 -32.94 16.45
CA GLU B 232 17.85 -33.55 15.49
C GLU B 232 17.78 -35.07 15.67
N LYS B 233 18.88 -35.77 15.41
CA LYS B 233 18.82 -37.23 15.40
C LYS B 233 18.40 -37.78 16.76
N LYS B 234 19.01 -37.29 17.84
CA LYS B 234 18.62 -37.78 19.16
C LYS B 234 17.13 -37.65 19.39
N PHE B 235 16.49 -36.69 18.73
CA PHE B 235 15.05 -36.47 18.85
C PHE B 235 14.25 -37.11 17.72
N CYS B 236 14.66 -36.89 16.46
CA CYS B 236 13.82 -37.24 15.33
C CYS B 236 14.14 -38.62 14.75
N GLU B 237 15.27 -39.22 15.12
CA GLU B 237 15.60 -40.54 14.61
C GLU B 237 14.63 -41.56 15.17
N GLY B 238 14.31 -42.56 14.36
CA GLY B 238 13.39 -43.60 14.76
C GLY B 238 11.97 -43.13 14.98
N SER B 239 11.69 -41.85 14.71
CA SER B 239 10.34 -41.31 14.82
C SER B 239 9.56 -41.43 13.52
N GLN B 240 10.23 -41.71 12.41
CA GLN B 240 9.62 -41.82 11.10
C GLN B 240 8.88 -40.53 10.74
N PRO B 241 9.58 -39.41 10.58
CA PRO B 241 8.90 -38.18 10.16
C PRO B 241 8.31 -38.34 8.76
N ARG B 242 7.18 -37.69 8.53
CA ARG B 242 6.49 -37.76 7.26
C ARG B 242 5.68 -36.49 7.04
N GLY B 243 5.48 -36.13 5.78
CA GLY B 243 4.68 -34.98 5.43
C GLY B 243 3.25 -35.35 5.11
N ILE B 244 2.42 -34.31 5.02
CA ILE B 244 1.01 -34.45 4.67
C ILE B 244 0.80 -33.72 3.35
N ILE B 245 0.21 -34.41 2.38
CA ILE B 245 -0.01 -33.87 1.05
C ILE B 245 -1.47 -34.08 0.67
N LEU B 246 -2.06 -33.07 0.03
CA LEU B 246 -3.45 -33.11 -0.40
C LEU B 246 -3.50 -33.02 -1.92
N LEU B 247 -4.19 -33.98 -2.53
CA LEU B 247 -4.54 -33.91 -3.95
C LEU B 247 -6.04 -33.70 -3.99
N GLY B 248 -6.45 -32.43 -4.03
CA GLY B 248 -7.85 -32.09 -3.91
C GLY B 248 -8.29 -30.94 -4.79
N ASP B 249 -9.54 -30.52 -4.61
CA ASP B 249 -10.15 -29.46 -5.38
C ASP B 249 -10.44 -28.26 -4.48
N ALA B 250 -11.30 -27.35 -4.96
CA ALA B 250 -11.58 -26.12 -4.21
C ALA B 250 -12.01 -26.43 -2.78
N ALA B 251 -12.91 -27.41 -2.61
CA ALA B 251 -13.31 -27.80 -1.27
C ALA B 251 -12.12 -28.24 -0.43
N GLY B 252 -11.20 -29.00 -1.04
CA GLY B 252 -10.00 -29.40 -0.32
C GLY B 252 -9.16 -28.21 0.13
N ALA B 253 -9.13 -27.17 -0.68
CA ALA B 253 -8.45 -25.93 -0.33
C ALA B 253 -9.33 -24.98 0.46
N HIS B 254 -10.54 -25.41 0.85
CA HIS B 254 -11.46 -24.62 1.66
C HIS B 254 -11.79 -23.30 0.97
N PHE B 255 -12.31 -23.42 -0.25
CA PHE B 255 -12.86 -22.26 -0.95
C PHE B 255 -13.95 -21.62 -0.10
N HIS B 256 -13.87 -20.30 0.08
CA HIS B 256 -14.76 -19.62 1.02
C HIS B 256 -14.84 -18.15 0.65
N ILE B 257 -16.03 -17.70 0.25
CA ILE B 257 -16.34 -16.28 0.11
C ILE B 257 -17.08 -15.84 1.37
N PRO B 258 -16.48 -15.03 2.23
CA PRO B 258 -17.19 -14.61 3.45
C PRO B 258 -18.52 -13.97 3.10
N PRO B 259 -19.62 -14.42 3.70
CA PRO B 259 -20.91 -13.77 3.43
C PRO B 259 -20.93 -12.30 3.81
N GLU B 260 -20.00 -11.86 4.66
CA GLU B 260 -19.94 -10.46 5.04
C GLU B 260 -19.74 -9.56 3.83
N TRP B 261 -19.06 -10.05 2.79
CA TRP B 261 -18.84 -9.25 1.60
C TRP B 261 -20.12 -8.97 0.83
N LEU B 262 -21.22 -9.69 1.14
CA LEU B 262 -22.46 -9.57 0.37
C LEU B 262 -23.66 -9.19 1.21
N THR B 263 -23.62 -9.31 2.53
CA THR B 263 -24.75 -8.96 3.38
C THR B 263 -24.54 -7.52 3.86
N ALA B 264 -25.25 -6.58 3.22
CA ALA B 264 -25.11 -5.18 3.58
C ALA B 264 -25.49 -4.92 5.03
N SER B 265 -26.43 -5.71 5.57
CA SER B 265 -26.97 -5.41 6.90
C SER B 265 -25.88 -5.34 7.96
N GLN B 266 -24.80 -6.09 7.80
CA GLN B 266 -23.74 -6.16 8.80
C GLN B 266 -22.38 -5.81 8.20
N MET B 267 -22.36 -5.04 7.12
CA MET B 267 -21.11 -4.68 6.47
C MET B 267 -20.38 -3.60 7.27
N SER B 268 -19.05 -3.65 7.21
CA SER B 268 -18.22 -2.67 7.90
C SER B 268 -16.84 -2.71 7.24
N VAL B 269 -15.94 -1.86 7.74
CA VAL B 269 -14.58 -1.83 7.21
C VAL B 269 -13.86 -3.12 7.53
N ASN B 270 -14.19 -3.75 8.67
CA ASN B 270 -13.56 -5.01 9.06
C ASN B 270 -14.03 -6.18 8.21
N SER B 271 -15.09 -6.00 7.41
CA SER B 271 -15.58 -7.10 6.59
C SER B 271 -14.63 -7.40 5.44
N PHE B 272 -14.00 -6.36 4.88
CA PHE B 272 -13.18 -6.49 3.68
C PHE B 272 -11.69 -6.46 3.96
N LEU B 273 -11.27 -6.56 5.24
CA LEU B 273 -9.84 -6.53 5.54
C LEU B 273 -9.13 -7.75 4.95
N ASN B 274 -9.79 -8.90 4.97
CA ASN B 274 -9.23 -10.13 4.44
C ASN B 274 -9.48 -10.31 2.95
N LEU B 275 -10.07 -9.32 2.28
CA LEU B 275 -10.33 -9.45 0.85
C LEU B 275 -9.05 -9.54 0.04
N PRO B 276 -8.04 -8.70 0.23
CA PRO B 276 -6.82 -8.83 -0.58
C PRO B 276 -6.07 -10.12 -0.32
N SER B 277 -5.93 -10.52 0.94
CA SER B 277 -5.26 -11.78 1.25
C SER B 277 -6.02 -12.96 0.64
N ALA B 278 -7.35 -12.85 0.54
CA ALA B 278 -8.15 -13.93 -0.03
C ALA B 278 -7.98 -14.00 -1.54
N LEU B 279 -8.06 -12.86 -2.21
CA LEU B 279 -7.94 -12.85 -3.68
C LEU B 279 -6.61 -13.44 -4.13
N THR B 280 -5.50 -13.01 -3.52
CA THR B 280 -4.20 -13.56 -3.88
C THR B 280 -4.06 -15.03 -3.53
N ASP B 281 -5.02 -15.59 -2.78
CA ASP B 281 -5.08 -17.02 -2.50
C ASP B 281 -6.11 -17.73 -3.36
N GLU B 282 -6.59 -17.09 -4.43
CA GLU B 282 -7.63 -17.66 -5.29
C GLU B 282 -8.90 -17.93 -4.48
N LEU B 283 -9.18 -17.08 -3.50
CA LEU B 283 -10.33 -17.23 -2.62
C LEU B 283 -10.31 -18.56 -1.85
N ASN B 284 -9.14 -19.18 -1.74
CA ASN B 284 -8.97 -20.39 -0.96
C ASN B 284 -8.38 -20.04 0.41
N TRP B 285 -8.66 -20.90 1.39
CA TRP B 285 -8.19 -20.72 2.76
C TRP B 285 -7.60 -22.03 3.27
N PRO B 286 -6.56 -22.55 2.61
CA PRO B 286 -6.00 -23.84 3.03
C PRO B 286 -5.40 -23.80 4.42
N GLN B 287 -4.92 -22.65 4.87
CA GLN B 287 -4.37 -22.53 6.22
C GLN B 287 -5.37 -22.96 7.28
N LEU B 288 -6.67 -22.93 6.97
CA LEU B 288 -7.72 -23.35 7.89
C LEU B 288 -8.43 -24.61 7.44
N SER B 289 -7.97 -25.24 6.36
CA SER B 289 -8.61 -26.43 5.84
C SER B 289 -8.53 -27.57 6.85
N GLY B 290 -9.28 -28.64 6.57
CA GLY B 290 -9.31 -29.78 7.47
C GLY B 290 -8.13 -30.71 7.36
N VAL B 291 -7.34 -30.60 6.29
CA VAL B 291 -6.20 -31.49 6.06
C VAL B 291 -4.88 -30.77 6.30
N THR B 292 -4.69 -29.62 5.65
CA THR B 292 -3.41 -28.92 5.67
C THR B 292 -3.52 -27.57 6.38
N GLY B 293 -4.32 -27.51 7.45
CA GLY B 293 -4.52 -26.27 8.18
C GLY B 293 -3.55 -26.15 9.34
N PHE B 294 -3.03 -24.94 9.54
CA PHE B 294 -2.08 -24.68 10.61
C PHE B 294 -2.44 -23.48 11.46
N LEU B 295 -3.52 -22.77 11.15
CA LEU B 295 -4.00 -21.65 11.96
C LEU B 295 -5.13 -22.12 12.87
N ASP B 296 -5.33 -21.38 13.95
CA ASP B 296 -6.40 -21.71 14.89
C ASP B 296 -7.75 -21.56 14.20
N SER B 297 -8.63 -22.53 14.43
CA SER B 297 -9.90 -22.59 13.73
C SER B 297 -10.76 -21.38 14.08
N THR B 298 -11.35 -20.75 13.05
CA THR B 298 -12.21 -19.60 13.29
C THR B 298 -13.50 -20.02 13.98
N SER B 299 -14.10 -21.14 13.55
CA SER B 299 -15.38 -21.56 14.08
C SER B 299 -15.34 -21.74 15.59
N GLY B 300 -14.18 -22.07 16.15
CA GLY B 300 -14.03 -22.22 17.58
C GLY B 300 -14.16 -23.64 18.09
N ILE B 301 -14.64 -24.58 17.27
CA ILE B 301 -14.73 -25.96 17.70
C ILE B 301 -13.33 -26.57 17.81
N GLU B 302 -13.23 -27.65 18.58
CA GLU B 302 -11.94 -28.18 18.99
C GLU B 302 -11.32 -29.14 17.97
N GLU B 303 -12.07 -29.61 16.99
CA GLU B 303 -11.46 -30.48 15.98
C GLU B 303 -10.40 -29.70 15.21
N LYS B 304 -9.29 -30.37 14.91
CA LYS B 304 -8.15 -29.77 14.24
C LYS B 304 -7.85 -30.52 12.95
N SER B 305 -7.03 -29.89 12.11
CA SER B 305 -6.70 -30.47 10.82
C SER B 305 -5.84 -31.73 10.99
N ILE B 306 -5.81 -32.54 9.94
CA ILE B 306 -4.98 -33.75 9.97
C ILE B 306 -3.51 -33.38 10.18
N TYR B 307 -3.05 -32.33 9.50
CA TYR B 307 -1.69 -31.86 9.71
C TYR B 307 -1.44 -31.56 11.18
N HIS B 308 -2.42 -30.94 11.84
CA HIS B 308 -2.24 -30.59 13.25
C HIS B 308 -2.02 -31.83 14.11
N ARG B 309 -2.82 -32.88 13.90
CA ARG B 309 -2.62 -34.10 14.65
C ARG B 309 -1.37 -34.85 14.21
N LEU B 310 -0.96 -34.68 12.95
CA LEU B 310 0.30 -35.27 12.51
C LEU B 310 1.47 -34.58 13.21
N ARG B 311 1.53 -33.25 13.14
CA ARG B 311 2.61 -32.52 13.80
C ARG B 311 2.58 -32.75 15.31
N LYS B 312 1.39 -32.74 15.90
CA LYS B 312 1.28 -32.99 17.33
C LYS B 312 1.96 -34.30 17.71
N ARG B 313 1.73 -35.35 16.93
CA ARG B 313 2.29 -36.65 17.25
C ARG B 313 3.81 -36.67 17.10
N ASN B 314 4.34 -35.91 16.15
CA ASN B 314 5.78 -35.86 15.91
C ASN B 314 6.16 -34.43 15.55
N HIS B 315 6.71 -33.70 16.51
CA HIS B 315 7.13 -32.32 16.28
C HIS B 315 8.13 -32.18 15.14
N CYS B 316 8.70 -33.29 14.66
CA CYS B 316 9.60 -33.22 13.51
C CYS B 316 8.83 -32.93 12.22
N ASN B 317 7.57 -33.37 12.15
CA ASN B 317 6.72 -33.10 10.99
C ASN B 317 6.32 -31.64 10.89
N HIS B 318 6.77 -30.78 11.81
CA HIS B 318 6.47 -29.36 11.75
C HIS B 318 6.74 -28.79 10.36
N ARG B 319 5.73 -28.10 9.82
CA ARG B 319 5.76 -27.43 8.52
C ARG B 319 5.76 -28.40 7.34
N ASP B 320 5.76 -29.70 7.57
CA ASP B 320 5.79 -30.68 6.48
C ASP B 320 4.37 -30.94 5.99
N TYR B 321 3.78 -29.90 5.40
CA TYR B 321 2.43 -29.95 4.85
C TYR B 321 2.43 -29.34 3.46
N GLN B 322 1.63 -29.93 2.57
CA GLN B 322 1.51 -29.47 1.19
C GLN B 322 0.06 -29.60 0.74
N SER B 323 -0.45 -28.55 0.11
CA SER B 323 -1.81 -28.52 -0.42
C SER B 323 -1.72 -28.42 -1.94
N ILE B 324 -1.71 -29.57 -2.60
CA ILE B 324 -1.69 -29.62 -4.07
C ILE B 324 -3.15 -29.69 -4.51
N SER B 325 -3.82 -28.55 -4.43
CA SER B 325 -5.24 -28.46 -4.72
C SER B 325 -5.50 -27.21 -5.55
N LYS B 326 -6.41 -27.34 -6.52
CA LYS B 326 -6.76 -26.24 -7.40
C LYS B 326 -8.28 -26.25 -7.62
N ASN B 327 -8.83 -25.06 -7.85
CA ASN B 327 -10.25 -24.96 -8.14
C ASN B 327 -10.57 -25.65 -9.45
N GLY B 328 -11.61 -26.49 -9.44
CA GLY B 328 -11.98 -27.26 -10.60
C GLY B 328 -11.22 -28.55 -10.78
N ALA B 329 -10.36 -28.91 -9.83
CA ALA B 329 -9.55 -30.12 -9.97
C ALA B 329 -10.44 -31.36 -9.99
N SER B 330 -10.12 -32.27 -10.91
CA SER B 330 -10.83 -33.53 -11.03
C SER B 330 -9.84 -34.60 -11.45
N SER B 331 -10.33 -35.85 -11.48
CA SER B 331 -9.49 -36.94 -11.98
C SER B 331 -9.04 -36.68 -13.41
N ARG B 332 -9.80 -35.88 -14.16
CA ARG B 332 -9.47 -35.64 -15.56
C ARG B 332 -8.27 -34.71 -15.70
N ASN B 333 -8.17 -33.70 -14.83
CA ASN B 333 -7.17 -32.64 -15.00
C ASN B 333 -6.17 -32.55 -13.85
N LEU B 334 -6.17 -33.51 -12.91
CA LEU B 334 -5.18 -33.46 -11.84
C LEU B 334 -3.77 -33.51 -12.40
N LYS B 335 -3.56 -34.33 -13.43
CA LYS B 335 -2.24 -34.41 -14.06
C LYS B 335 -1.74 -33.05 -14.52
N ASN B 336 -2.66 -32.13 -14.86
CA ASN B 336 -2.27 -30.83 -15.37
C ASN B 336 -1.54 -29.97 -14.35
N PHE B 337 -1.51 -30.37 -13.08
CA PHE B 337 -0.78 -29.60 -12.08
C PHE B 337 -0.17 -30.45 -10.98
N ILE B 338 -0.22 -31.78 -11.06
CA ILE B 338 0.39 -32.63 -10.04
C ILE B 338 1.90 -32.44 -10.00
N GLU B 339 2.49 -31.95 -11.09
CA GLU B 339 3.93 -31.70 -11.10
C GLU B 339 4.32 -30.64 -10.08
N SER B 340 3.37 -29.81 -9.64
CA SER B 340 3.67 -28.83 -8.60
C SER B 340 4.05 -29.50 -7.28
N LEU B 341 3.70 -30.76 -7.11
CA LEU B 341 4.09 -31.50 -5.91
C LEU B 341 5.60 -31.48 -5.77
N SER B 342 6.07 -31.05 -4.60
CA SER B 342 7.50 -30.90 -4.33
C SER B 342 7.92 -32.03 -3.38
N ARG B 343 8.50 -33.09 -3.93
CA ARG B 343 8.93 -34.22 -3.12
C ARG B 343 10.00 -34.99 -3.89
N ASN B 344 11.24 -34.96 -3.38
CA ASN B 344 12.33 -35.72 -3.96
C ASN B 344 12.31 -37.14 -3.40
N GLN B 345 12.47 -38.13 -4.29
CA GLN B 345 12.26 -39.51 -3.90
C GLN B 345 13.35 -40.03 -2.96
N ALA B 346 14.54 -39.43 -2.99
CA ALA B 346 15.66 -39.89 -2.18
C ALA B 346 16.00 -38.98 -1.01
N SER B 347 15.86 -37.67 -1.18
CA SER B 347 16.29 -36.70 -0.18
C SER B 347 15.16 -36.24 0.74
N ASP B 348 13.94 -36.74 0.56
CA ASP B 348 12.79 -36.32 1.35
C ASP B 348 12.19 -37.51 2.08
N HIS B 349 11.49 -37.19 3.18
CA HIS B 349 10.84 -38.21 4.00
C HIS B 349 9.66 -38.80 3.25
N PRO B 350 9.06 -39.88 3.78
CA PRO B 350 7.80 -40.36 3.21
C PRO B 350 6.71 -39.30 3.32
N ALA B 351 5.52 -39.60 2.83
CA ALA B 351 4.42 -38.64 2.90
C ALA B 351 3.09 -39.39 2.89
N ILE B 352 2.09 -38.79 3.53
CA ILE B 352 0.71 -39.26 3.47
C ILE B 352 -0.01 -38.42 2.42
N VAL B 353 -0.44 -39.05 1.35
CA VAL B 353 -1.10 -38.38 0.23
C VAL B 353 -2.59 -38.74 0.28
N LEU B 354 -3.44 -37.73 0.19
CA LEU B 354 -4.89 -37.90 0.18
C LEU B 354 -5.43 -37.51 -1.19
N TYR B 355 -6.03 -38.46 -1.88
CA TYR B 355 -6.66 -38.20 -3.18
C TYR B 355 -8.13 -37.89 -2.94
N ALA B 356 -8.49 -36.61 -3.06
CA ALA B 356 -9.84 -36.13 -2.70
C ALA B 356 -10.40 -35.27 -3.83
N MET B 357 -10.84 -35.93 -4.90
CA MET B 357 -11.58 -35.27 -5.98
C MET B 357 -13.05 -35.58 -5.75
N ILE B 358 -13.70 -34.74 -4.93
CA ILE B 358 -14.95 -35.10 -4.27
C ILE B 358 -16.20 -34.65 -5.01
N GLY B 359 -16.07 -34.27 -6.27
CA GLY B 359 -17.26 -33.87 -6.99
C GLY B 359 -17.09 -33.45 -8.44
N ASN B 360 -15.99 -32.78 -8.78
CA ASN B 360 -15.84 -32.23 -10.12
C ASN B 360 -15.93 -33.30 -11.20
N ASP B 361 -15.84 -34.59 -10.85
CA ASP B 361 -16.05 -35.65 -11.82
C ASP B 361 -17.53 -35.88 -12.12
N VAL B 362 -18.43 -35.40 -11.26
CA VAL B 362 -19.84 -35.36 -11.57
C VAL B 362 -20.38 -33.93 -11.67
N CYS B 363 -19.68 -32.94 -11.10
CA CYS B 363 -20.11 -31.55 -11.10
C CYS B 363 -19.47 -30.81 -12.26
N ASN B 364 -20.31 -30.25 -13.14
CA ASN B 364 -19.83 -29.50 -14.29
C ASN B 364 -20.84 -28.41 -14.63
N SER B 365 -20.43 -27.52 -15.53
CA SER B 365 -21.24 -26.37 -15.92
C SER B 365 -22.00 -26.57 -17.21
N LYS B 366 -21.95 -27.76 -17.80
CA LYS B 366 -22.60 -28.01 -19.07
C LYS B 366 -24.10 -28.16 -18.89
N ALA B 367 -24.85 -27.76 -19.91
CA ALA B 367 -26.31 -27.92 -19.87
C ALA B 367 -26.68 -29.41 -19.88
N ASP B 368 -26.26 -30.13 -20.92
CA ASP B 368 -26.38 -31.58 -20.96
C ASP B 368 -25.25 -32.13 -20.09
N THR B 369 -25.50 -32.15 -18.79
CA THR B 369 -24.43 -32.29 -17.81
C THR B 369 -23.96 -33.72 -17.65
N VAL B 370 -24.86 -34.70 -17.84
CA VAL B 370 -24.48 -36.10 -17.60
C VAL B 370 -23.39 -36.55 -18.57
N PRO B 371 -23.50 -36.30 -19.89
CA PRO B 371 -22.39 -36.67 -20.78
C PRO B 371 -21.04 -36.17 -20.31
N GLU B 372 -20.98 -34.98 -19.73
CA GLU B 372 -19.72 -34.45 -19.23
C GLU B 372 -19.24 -35.18 -17.97
N MET B 373 -20.13 -35.87 -17.28
CA MET B 373 -19.75 -36.59 -16.07
C MET B 373 -18.78 -37.72 -16.37
N THR B 374 -17.75 -37.83 -15.55
CA THR B 374 -16.78 -38.90 -15.71
C THR B 374 -17.43 -40.26 -15.46
N THR B 375 -17.10 -41.22 -16.32
CA THR B 375 -17.61 -42.58 -16.18
C THR B 375 -16.65 -43.42 -15.36
N PRO B 376 -17.10 -44.55 -14.82
CA PRO B 376 -16.18 -45.42 -14.07
C PRO B 376 -14.93 -45.79 -14.86
N GLU B 377 -15.07 -45.97 -16.18
CA GLU B 377 -13.92 -46.33 -17.00
C GLU B 377 -12.86 -45.24 -16.97
N GLN B 378 -13.26 -43.99 -17.26
CA GLN B 378 -12.30 -42.90 -17.29
C GLN B 378 -11.69 -42.66 -15.92
N MET B 379 -12.51 -42.80 -14.86
CA MET B 379 -11.99 -42.65 -13.51
C MET B 379 -10.86 -43.64 -13.26
N TYR B 380 -11.08 -44.90 -13.61
CA TYR B 380 -10.05 -45.92 -13.45
C TYR B 380 -8.76 -45.52 -14.16
N ALA B 381 -8.86 -45.12 -15.42
CA ALA B 381 -7.67 -44.78 -16.19
C ALA B 381 -6.95 -43.56 -15.60
N ASN B 382 -7.72 -42.58 -15.10
CA ASN B 382 -7.12 -41.36 -14.59
C ASN B 382 -6.45 -41.58 -13.23
N VAL B 383 -7.09 -42.37 -12.36
CA VAL B 383 -6.50 -42.62 -11.03
C VAL B 383 -5.25 -43.48 -11.18
N MET B 384 -5.33 -44.55 -11.97
CA MET B 384 -4.15 -45.37 -12.21
C MET B 384 -2.99 -44.55 -12.76
N GLN B 385 -3.29 -43.61 -13.66
CA GLN B 385 -2.24 -42.73 -14.17
C GLN B 385 -1.68 -41.85 -13.06
N THR B 386 -2.56 -41.37 -12.16
CA THR B 386 -2.09 -40.53 -11.06
C THR B 386 -1.30 -41.34 -10.04
N LEU B 387 -1.76 -42.55 -9.73
CA LEU B 387 -1.03 -43.40 -8.80
C LEU B 387 0.35 -43.74 -9.35
N THR B 388 0.43 -44.08 -10.64
CA THR B 388 1.71 -44.37 -11.25
C THR B 388 2.66 -43.17 -11.15
N HIS B 389 2.13 -41.97 -11.35
CA HIS B 389 2.97 -40.77 -11.22
C HIS B 389 3.50 -40.63 -9.81
N LEU B 390 2.75 -41.10 -8.82
CA LEU B 390 3.18 -40.99 -7.43
C LEU B 390 4.27 -42.01 -7.10
N ASN B 391 4.14 -43.24 -7.59
CA ASN B 391 5.11 -44.28 -7.31
C ASN B 391 6.52 -43.87 -7.75
N SER B 392 6.63 -43.03 -8.77
CA SER B 392 7.94 -42.56 -9.24
C SER B 392 8.36 -41.24 -8.61
N HIS B 393 7.51 -40.64 -7.77
CA HIS B 393 7.83 -39.37 -7.14
C HIS B 393 7.76 -39.39 -5.61
N LEU B 394 7.28 -40.48 -5.01
CA LEU B 394 7.16 -40.56 -3.56
C LEU B 394 8.22 -41.48 -2.99
N PRO B 395 8.98 -41.04 -1.97
CA PRO B 395 9.90 -41.96 -1.32
C PRO B 395 9.19 -43.19 -0.79
N ASN B 396 9.93 -44.29 -0.66
CA ASN B 396 9.36 -45.53 -0.15
C ASN B 396 8.82 -45.31 1.26
N GLY B 397 7.84 -46.13 1.64
CA GLY B 397 7.18 -45.97 2.91
C GLY B 397 6.09 -44.93 2.94
N SER B 398 5.66 -44.42 1.79
CA SER B 398 4.58 -43.45 1.73
C SER B 398 3.24 -44.16 1.76
N HIS B 399 2.16 -43.38 1.80
CA HIS B 399 0.81 -43.92 1.91
C HIS B 399 -0.16 -43.03 1.14
N VAL B 400 -1.11 -43.66 0.45
CA VAL B 400 -2.10 -42.97 -0.35
C VAL B 400 -3.49 -43.42 0.09
N ILE B 401 -4.36 -42.45 0.35
CA ILE B 401 -5.75 -42.72 0.76
C ILE B 401 -6.67 -42.07 -0.27
N LEU B 402 -7.56 -42.87 -0.85
CA LEU B 402 -8.50 -42.38 -1.86
C LEU B 402 -9.82 -42.01 -1.18
N TYR B 403 -10.24 -40.76 -1.34
CA TYR B 403 -11.50 -40.30 -0.80
C TYR B 403 -12.67 -40.65 -1.73
N GLY B 404 -13.80 -41.02 -1.14
CA GLY B 404 -15.02 -41.19 -1.88
C GLY B 404 -15.70 -39.86 -2.16
N LEU B 405 -16.79 -39.94 -2.93
CA LEU B 405 -17.59 -38.77 -3.25
C LEU B 405 -18.88 -38.75 -2.44
N PRO B 406 -19.28 -37.60 -1.89
CA PRO B 406 -20.49 -37.54 -1.07
C PRO B 406 -21.75 -37.56 -1.93
N ASP B 407 -22.88 -37.77 -1.24
CA ASP B 407 -24.19 -37.72 -1.89
C ASP B 407 -24.63 -36.26 -1.88
N GLY B 408 -24.41 -35.57 -3.01
CA GLY B 408 -24.62 -34.14 -3.07
C GLY B 408 -26.05 -33.67 -3.15
N THR B 409 -27.03 -34.58 -3.08
CA THR B 409 -28.42 -34.13 -2.91
C THR B 409 -28.58 -33.37 -1.60
N PHE B 410 -27.63 -33.52 -0.69
CA PHE B 410 -27.66 -32.76 0.55
C PHE B 410 -27.74 -31.26 0.29
N LEU B 411 -27.16 -30.79 -0.80
CA LEU B 411 -27.16 -29.36 -1.10
C LEU B 411 -28.58 -28.85 -1.31
N TRP B 412 -29.30 -29.42 -2.27
CA TRP B 412 -30.65 -28.95 -2.57
C TRP B 412 -31.60 -29.18 -1.40
N ASP B 413 -31.53 -30.35 -0.77
CA ASP B 413 -32.44 -30.65 0.33
C ASP B 413 -32.30 -29.64 1.46
N SER B 414 -31.06 -29.22 1.76
CA SER B 414 -30.82 -28.36 2.90
C SER B 414 -31.12 -26.90 2.60
N LEU B 415 -30.82 -26.43 1.39
CA LEU B 415 -30.75 -25.00 1.11
C LEU B 415 -31.86 -24.48 0.19
N HIS B 416 -32.48 -25.34 -0.61
CA HIS B 416 -33.32 -24.84 -1.70
C HIS B 416 -34.39 -23.87 -1.23
N ASN B 417 -34.80 -23.94 0.05
CA ASN B 417 -35.84 -23.07 0.56
C ASN B 417 -35.32 -21.96 1.47
N ARG B 418 -34.03 -21.96 1.81
CA ARG B 418 -33.46 -20.90 2.64
C ARG B 418 -33.03 -19.72 1.78
N TYR B 419 -32.77 -18.60 2.45
CA TYR B 419 -32.51 -17.34 1.76
C TYR B 419 -31.01 -17.15 1.55
N HIS B 420 -30.62 -16.93 0.30
CA HIS B 420 -29.24 -16.60 -0.01
C HIS B 420 -28.87 -15.29 0.71
N PRO B 421 -27.59 -15.11 1.08
CA PRO B 421 -27.21 -13.84 1.74
C PRO B 421 -27.70 -12.60 1.01
N LEU B 422 -27.67 -12.59 -0.33
CA LEU B 422 -28.16 -11.44 -1.09
C LEU B 422 -29.68 -11.28 -1.01
N GLY B 423 -30.40 -12.29 -0.52
CA GLY B 423 -31.84 -12.20 -0.43
C GLY B 423 -32.35 -12.11 0.99
N GLN B 424 -31.45 -12.14 1.97
CA GLN B 424 -31.88 -12.17 3.37
C GLN B 424 -32.59 -10.88 3.76
N LEU B 425 -32.14 -9.74 3.23
CA LEU B 425 -32.73 -8.46 3.61
C LEU B 425 -34.22 -8.43 3.31
N ASN B 426 -34.58 -8.65 2.05
CA ASN B 426 -35.96 -8.59 1.59
C ASN B 426 -36.57 -9.98 1.37
N LYS B 427 -35.88 -11.04 1.75
CA LYS B 427 -36.41 -12.40 1.63
C LYS B 427 -36.88 -12.67 0.21
N ASP B 428 -36.04 -12.33 -0.77
CA ASP B 428 -36.44 -12.37 -2.18
C ASP B 428 -35.53 -13.22 -3.05
N VAL B 429 -34.56 -13.92 -2.48
CA VAL B 429 -33.68 -14.80 -3.26
C VAL B 429 -33.45 -16.07 -2.46
N THR B 430 -34.04 -17.18 -2.93
CA THR B 430 -33.75 -18.49 -2.35
C THR B 430 -32.60 -19.14 -3.12
N TYR B 431 -31.91 -20.06 -2.44
CA TYR B 431 -30.84 -20.78 -3.09
C TYR B 431 -31.32 -21.46 -4.37
N ALA B 432 -32.59 -21.84 -4.42
CA ALA B 432 -33.15 -22.38 -5.66
C ALA B 432 -33.11 -21.35 -6.78
N GLN B 433 -33.58 -20.13 -6.50
CA GLN B 433 -33.48 -19.05 -7.48
C GLN B 433 -32.03 -18.69 -7.75
N PHE B 434 -31.16 -18.83 -6.74
CA PHE B 434 -29.74 -18.55 -6.94
C PHE B 434 -29.09 -19.58 -7.85
N PHE B 435 -29.42 -20.86 -7.67
CA PHE B 435 -28.87 -21.90 -8.54
C PHE B 435 -29.37 -21.75 -9.97
N SER B 436 -30.65 -21.40 -10.14
CA SER B 436 -31.18 -21.22 -11.49
C SER B 436 -30.53 -20.03 -12.18
N PHE B 437 -30.29 -18.96 -11.43
CA PHE B 437 -29.59 -17.80 -11.97
C PHE B 437 -28.22 -18.20 -12.51
N LEU B 438 -27.40 -18.85 -11.67
CA LEU B 438 -26.09 -19.31 -12.12
C LEU B 438 -26.23 -20.24 -13.32
N ARG B 439 -27.14 -21.21 -13.24
CA ARG B 439 -27.37 -22.10 -14.37
C ARG B 439 -27.71 -21.32 -15.63
N CYS B 440 -28.49 -20.24 -15.48
CA CYS B 440 -28.84 -19.43 -16.64
C CYS B 440 -27.61 -18.75 -17.22
N LEU B 441 -26.69 -18.31 -16.36
CA LEU B 441 -25.45 -17.68 -16.79
C LEU B 441 -24.39 -18.69 -17.19
N GLN B 442 -24.69 -19.99 -17.10
CA GLN B 442 -23.70 -21.04 -17.38
C GLN B 442 -22.51 -20.92 -16.45
N LEU B 443 -22.78 -20.59 -15.19
CA LEU B 443 -21.75 -20.52 -14.15
C LEU B 443 -22.02 -21.46 -12.98
N ASN B 444 -23.06 -22.28 -13.05
CA ASN B 444 -23.38 -23.17 -11.95
C ASN B 444 -22.29 -24.23 -11.84
N PRO B 445 -21.58 -24.32 -10.71
CA PRO B 445 -20.46 -25.29 -10.64
C PRO B 445 -20.90 -26.73 -10.67
N CYS B 446 -22.17 -27.04 -10.36
CA CYS B 446 -22.64 -28.41 -10.31
C CYS B 446 -24.09 -28.44 -10.77
N ASN B 447 -24.28 -28.43 -12.10
CA ASN B 447 -25.62 -28.55 -12.65
C ASN B 447 -26.28 -29.87 -12.25
N GLY B 448 -25.50 -30.86 -11.86
CA GLY B 448 -26.09 -32.15 -11.51
C GLY B 448 -26.81 -32.13 -10.19
N TRP B 449 -26.22 -31.51 -9.18
CA TRP B 449 -26.80 -31.50 -7.83
C TRP B 449 -27.50 -30.18 -7.50
N MET B 450 -26.97 -29.06 -7.98
CA MET B 450 -27.58 -27.75 -7.72
C MET B 450 -28.66 -27.47 -8.76
N SER B 451 -29.67 -28.32 -8.77
CA SER B 451 -30.73 -28.24 -9.77
C SER B 451 -32.05 -28.66 -9.14
N SER B 452 -33.14 -28.12 -9.65
CA SER B 452 -34.48 -28.45 -9.19
C SER B 452 -35.03 -29.72 -9.84
N ASN B 453 -34.29 -30.32 -10.78
CA ASN B 453 -34.71 -31.55 -11.45
C ASN B 453 -34.22 -32.71 -10.58
N LYS B 454 -35.10 -33.25 -9.74
CA LYS B 454 -34.70 -34.31 -8.82
C LYS B 454 -34.11 -35.50 -9.58
N THR B 455 -34.73 -35.88 -10.70
CA THR B 455 -34.21 -37.00 -11.47
C THR B 455 -32.75 -36.81 -11.81
N LEU B 456 -32.35 -35.58 -12.14
CA LEU B 456 -30.94 -35.31 -12.41
C LEU B 456 -30.11 -35.39 -11.15
N ARG B 457 -30.65 -34.88 -10.03
CA ARG B 457 -29.96 -35.02 -8.76
C ARG B 457 -29.73 -36.50 -8.42
N THR B 458 -30.75 -37.33 -8.67
CA THR B 458 -30.59 -38.77 -8.46
C THR B 458 -29.46 -39.34 -9.32
N LEU B 459 -29.52 -39.09 -10.64
CA LEU B 459 -28.49 -39.62 -11.53
C LEU B 459 -27.11 -39.17 -11.09
N THR B 460 -26.98 -37.91 -10.66
CA THR B 460 -25.67 -37.40 -10.25
C THR B 460 -25.16 -38.16 -9.03
N SER B 461 -26.03 -38.46 -8.08
CA SER B 461 -25.62 -39.23 -6.91
C SER B 461 -25.27 -40.66 -7.29
N GLU B 462 -26.10 -41.29 -8.12
CA GLU B 462 -25.77 -42.62 -8.64
C GLU B 462 -24.36 -42.62 -9.22
N ARG B 463 -24.09 -41.72 -10.16
CA ARG B 463 -22.77 -41.67 -10.79
C ARG B 463 -21.69 -41.40 -9.75
N ALA B 464 -21.96 -40.51 -8.80
CA ALA B 464 -20.97 -40.21 -7.76
C ALA B 464 -20.67 -41.45 -6.92
N GLU B 465 -21.67 -42.31 -6.70
CA GLU B 465 -21.42 -43.57 -6.00
C GLU B 465 -20.58 -44.51 -6.85
N GLN B 466 -20.95 -44.67 -8.12
CA GLN B 466 -20.20 -45.54 -9.01
C GLN B 466 -18.74 -45.13 -9.06
N LEU B 467 -18.46 -43.83 -9.09
CA LEU B 467 -17.08 -43.37 -9.03
C LEU B 467 -16.45 -43.69 -7.68
N SER B 468 -17.22 -43.63 -6.60
CA SER B 468 -16.67 -43.91 -5.27
C SER B 468 -16.32 -45.38 -5.12
N ASN B 469 -17.20 -46.28 -5.58
CA ASN B 469 -16.88 -47.70 -5.52
C ASN B 469 -15.71 -48.04 -6.41
N THR B 470 -15.62 -47.41 -7.58
CA THR B 470 -14.46 -47.61 -8.45
C THR B 470 -13.17 -47.26 -7.71
N LEU B 471 -13.16 -46.14 -7.00
CA LEU B 471 -11.98 -45.76 -6.23
C LEU B 471 -11.68 -46.79 -5.14
N LYS B 472 -12.71 -47.32 -4.50
CA LYS B 472 -12.49 -48.32 -3.45
C LYS B 472 -11.86 -49.57 -4.04
N LYS B 473 -12.45 -50.11 -5.11
CA LYS B 473 -11.95 -51.34 -5.70
C LYS B 473 -10.54 -51.17 -6.26
N ILE B 474 -10.17 -49.95 -6.65
CA ILE B 474 -8.79 -49.69 -7.05
C ILE B 474 -7.86 -49.82 -5.85
N ALA B 475 -8.22 -49.21 -4.74
CA ALA B 475 -7.37 -49.26 -3.56
C ALA B 475 -7.16 -50.67 -3.06
N THR B 476 -8.17 -51.54 -3.23
CA THR B 476 -8.05 -52.91 -2.77
C THR B 476 -7.20 -53.77 -3.70
N THR B 477 -7.45 -53.69 -5.01
CA THR B 477 -6.92 -54.65 -5.96
C THR B 477 -5.69 -54.15 -6.72
N GLU B 478 -5.16 -52.98 -6.35
CA GLU B 478 -3.96 -52.45 -6.99
C GLU B 478 -2.88 -52.24 -5.94
N THR B 479 -1.65 -52.65 -6.27
CA THR B 479 -0.53 -52.58 -5.36
C THR B 479 0.61 -51.83 -6.03
N PHE B 480 1.39 -51.10 -5.22
CA PHE B 480 2.48 -50.29 -5.70
C PHE B 480 3.71 -50.53 -4.83
N ALA B 481 4.86 -50.06 -5.31
CA ALA B 481 6.12 -50.33 -4.64
C ALA B 481 6.33 -49.39 -3.46
N ASN B 482 6.23 -48.09 -3.69
CA ASN B 482 6.60 -47.09 -2.70
C ASN B 482 5.45 -46.67 -1.78
N PHE B 483 4.28 -47.30 -1.90
CA PHE B 483 3.18 -46.98 -1.01
C PHE B 483 2.12 -48.07 -1.09
N ASP B 484 1.28 -48.10 -0.06
CA ASP B 484 0.07 -48.92 -0.06
C ASP B 484 -1.15 -48.03 -0.32
N LEU B 485 -2.26 -48.67 -0.65
CA LEU B 485 -3.42 -47.96 -1.16
C LEU B 485 -4.63 -48.31 -0.30
N PHE B 486 -5.32 -47.27 0.17
CA PHE B 486 -6.49 -47.42 1.02
C PHE B 486 -7.61 -46.50 0.51
N TYR B 487 -8.82 -46.74 1.01
CA TYR B 487 -9.98 -45.95 0.62
C TYR B 487 -10.82 -45.65 1.85
N VAL B 488 -11.12 -44.37 2.06
CA VAL B 488 -12.07 -43.94 3.08
C VAL B 488 -13.20 -43.21 2.37
N ASP B 489 -14.44 -43.61 2.67
CA ASP B 489 -15.59 -42.98 2.05
C ASP B 489 -15.89 -41.63 2.70
N PHE B 490 -16.72 -40.84 2.03
CA PHE B 490 -17.08 -39.53 2.56
C PHE B 490 -18.10 -39.67 3.70
N ALA B 491 -19.23 -40.32 3.43
CA ALA B 491 -20.26 -40.58 4.43
C ALA B 491 -20.69 -39.28 5.12
N PHE B 492 -21.29 -38.41 4.32
CA PHE B 492 -21.73 -37.12 4.84
C PHE B 492 -22.83 -37.27 5.89
N HIS B 493 -23.69 -38.27 5.75
CA HIS B 493 -24.78 -38.46 6.72
C HIS B 493 -24.22 -38.67 8.12
N GLU B 494 -23.09 -39.39 8.22
CA GLU B 494 -22.46 -39.58 9.53
C GLU B 494 -22.03 -38.24 10.11
N ILE B 495 -21.50 -37.35 9.28
CA ILE B 495 -21.10 -36.03 9.75
C ILE B 495 -22.31 -35.22 10.16
N ILE B 496 -23.48 -35.46 9.54
CA ILE B 496 -24.67 -34.71 9.89
C ILE B 496 -25.14 -35.04 11.31
N GLU B 497 -25.16 -36.34 11.65
CA GLU B 497 -25.56 -36.70 13.01
C GLU B 497 -24.64 -36.08 14.04
N ASP B 498 -23.32 -36.10 13.80
CA ASP B 498 -22.38 -35.48 14.71
C ASP B 498 -22.65 -33.99 14.87
N TRP B 499 -23.13 -33.33 13.83
CA TRP B 499 -23.40 -31.90 13.90
C TRP B 499 -24.70 -31.62 14.65
N GLN B 500 -25.67 -32.53 14.59
CA GLN B 500 -26.91 -32.38 15.35
C GLN B 500 -26.73 -32.73 16.82
N LYS B 501 -25.68 -33.47 17.18
CA LYS B 501 -25.41 -33.76 18.59
C LYS B 501 -24.87 -32.56 19.33
N ARG B 502 -24.33 -31.57 18.61
CA ARG B 502 -23.99 -30.28 19.20
C ARG B 502 -25.08 -29.24 19.03
N GLY B 503 -26.19 -29.58 18.36
CA GLY B 503 -27.31 -28.69 18.23
C GLY B 503 -27.42 -27.91 16.93
N GLY B 504 -26.60 -28.22 15.93
CA GLY B 504 -26.65 -27.51 14.67
C GLY B 504 -27.60 -28.15 13.67
N GLN B 505 -27.86 -27.42 12.59
CA GLN B 505 -28.73 -27.86 11.52
C GLN B 505 -27.94 -28.13 10.25
N PRO B 506 -28.53 -28.84 9.28
CA PRO B 506 -27.76 -29.22 8.08
C PRO B 506 -27.26 -28.04 7.26
N TRP B 507 -28.07 -27.00 7.10
CA TRP B 507 -27.68 -25.86 6.27
C TRP B 507 -26.45 -25.13 6.80
N GLN B 508 -26.09 -25.36 8.06
CA GLN B 508 -24.92 -24.74 8.67
C GLN B 508 -23.61 -25.40 8.27
N LEU B 509 -23.63 -26.38 7.36
CA LEU B 509 -22.44 -27.08 6.93
C LEU B 509 -22.02 -26.71 5.51
N ILE B 510 -22.67 -25.74 4.90
CA ILE B 510 -22.38 -25.35 3.52
C ILE B 510 -21.98 -23.89 3.48
N GLU B 511 -21.06 -23.56 2.59
CA GLU B 511 -20.65 -22.19 2.39
C GLU B 511 -21.87 -21.35 2.04
N PRO B 512 -22.19 -20.30 2.82
CA PRO B 512 -23.42 -19.55 2.53
C PRO B 512 -23.46 -18.93 1.14
N VAL B 513 -22.34 -18.41 0.65
CA VAL B 513 -22.36 -17.60 -0.57
C VAL B 513 -22.56 -18.49 -1.80
N ASP B 514 -21.80 -19.58 -1.90
CA ASP B 514 -21.93 -20.45 -3.05
C ASP B 514 -22.91 -21.59 -2.82
N GLY B 515 -23.26 -21.88 -1.59
CA GLY B 515 -24.21 -22.96 -1.33
C GLY B 515 -23.79 -24.27 -1.97
N PHE B 516 -22.49 -24.56 -1.96
CA PHE B 516 -21.94 -25.67 -2.71
C PHE B 516 -20.90 -26.43 -1.89
N HIS B 517 -19.81 -25.75 -1.52
CA HIS B 517 -18.73 -26.40 -0.79
C HIS B 517 -19.11 -26.60 0.68
N PRO B 518 -18.51 -27.60 1.33
CA PRO B 518 -18.57 -27.63 2.80
C PRO B 518 -17.73 -26.50 3.39
N ASN B 519 -18.19 -25.99 4.52
CA ASN B 519 -17.54 -24.86 5.16
C ASN B 519 -16.42 -25.35 6.10
N GLU B 520 -15.74 -24.39 6.73
CA GLU B 520 -14.61 -24.74 7.59
C GLU B 520 -14.99 -25.79 8.61
N VAL B 521 -16.20 -25.68 9.17
CA VAL B 521 -16.65 -26.67 10.15
C VAL B 521 -16.79 -28.04 9.48
N ALA B 522 -17.54 -28.10 8.39
CA ALA B 522 -17.74 -29.37 7.71
C ALA B 522 -16.41 -30.00 7.31
N SER B 523 -15.46 -29.19 6.83
CA SER B 523 -14.16 -29.73 6.45
C SER B 523 -13.46 -30.37 7.63
N LEU B 524 -13.57 -29.75 8.80
CA LEU B 524 -12.91 -30.29 10.00
C LEU B 524 -13.62 -31.53 10.52
N LEU B 525 -14.96 -31.52 10.52
CA LEU B 525 -15.70 -32.71 10.91
C LEU B 525 -15.37 -33.89 10.01
N GLN B 526 -14.98 -33.63 8.76
CA GLN B 526 -14.52 -34.69 7.87
C GLN B 526 -13.15 -35.20 8.29
N ALA B 527 -12.17 -34.30 8.32
CA ALA B 527 -10.82 -34.67 8.72
C ALA B 527 -10.82 -35.51 10.00
N ASN B 528 -11.69 -35.17 10.95
CA ASN B 528 -11.79 -35.95 12.18
C ASN B 528 -12.23 -37.39 11.87
N ARG B 529 -13.31 -37.55 11.12
CA ARG B 529 -13.78 -38.88 10.78
C ARG B 529 -12.73 -39.67 10.01
N VAL B 530 -11.89 -38.99 9.23
CA VAL B 530 -10.85 -39.67 8.47
C VAL B 530 -9.69 -40.07 9.37
N TRP B 531 -9.17 -39.13 10.15
CA TRP B 531 -8.04 -39.43 11.03
C TRP B 531 -8.35 -40.59 11.95
N GLU B 532 -9.54 -40.58 12.56
CA GLU B 532 -9.93 -41.68 13.44
C GLU B 532 -9.96 -43.00 12.69
N LYS B 533 -10.46 -42.98 11.45
CA LYS B 533 -10.64 -44.23 10.71
C LYS B 533 -9.30 -44.83 10.31
N ILE B 534 -8.38 -43.99 9.79
CA ILE B 534 -7.04 -44.49 9.48
C ILE B 534 -6.41 -45.07 10.73
N GLN B 535 -6.62 -44.41 11.88
CA GLN B 535 -6.09 -44.92 13.14
C GLN B 535 -6.68 -46.29 13.45
N LEU B 536 -7.99 -46.44 13.26
CA LEU B 536 -8.68 -47.67 13.62
C LEU B 536 -8.37 -48.83 12.66
N GLN B 537 -7.86 -48.53 11.47
CA GLN B 537 -7.67 -49.55 10.45
C GLN B 537 -6.23 -49.68 9.96
N TRP B 538 -5.52 -48.57 9.82
CA TRP B 538 -4.13 -48.59 9.32
C TRP B 538 -3.29 -47.63 10.14
N PRO B 539 -3.15 -47.89 11.44
CA PRO B 539 -2.46 -46.93 12.31
C PRO B 539 -1.02 -46.65 11.91
N HIS B 540 -0.36 -47.55 11.16
CA HIS B 540 1.02 -47.31 10.74
C HIS B 540 1.14 -46.13 9.80
N VAL B 541 0.07 -45.78 9.08
CA VAL B 541 0.09 -44.62 8.21
C VAL B 541 0.39 -43.36 9.02
N LEU B 542 -0.28 -43.20 10.15
CA LEU B 542 -0.08 -42.00 10.96
C LEU B 542 1.27 -42.00 11.66
N GLY B 543 1.78 -43.17 12.03
CA GLY B 543 3.07 -43.29 12.68
C GLY B 543 2.95 -43.56 14.16
N LYS B 544 4.07 -43.33 14.86
CA LYS B 544 4.18 -43.57 16.28
C LYS B 544 4.23 -42.24 17.04
N GLU B 545 3.96 -42.32 18.34
CA GLU B 545 3.92 -41.14 19.19
C GLU B 545 5.33 -40.85 19.65
N ASN B 546 6.01 -39.95 18.94
CA ASN B 546 7.39 -39.62 19.27
C ASN B 546 7.47 -39.15 20.72
N PRO B 547 8.19 -39.84 21.60
CA PRO B 547 8.22 -39.42 23.00
C PRO B 547 9.09 -38.21 23.26
N PHE B 548 9.80 -37.72 22.24
CA PHE B 548 10.66 -36.55 22.40
C PHE B 548 9.90 -35.24 22.27
N ASN B 549 8.63 -35.28 21.85
CA ASN B 549 7.82 -34.08 21.72
C ASN B 549 8.01 -33.12 22.89
N SER B 550 7.69 -33.58 24.10
CA SER B 550 7.86 -32.75 25.29
C SER B 550 9.26 -32.18 25.37
N GLN B 551 10.27 -32.99 25.02
CA GLN B 551 11.65 -32.54 25.07
C GLN B 551 11.92 -31.46 24.03
N ILE B 552 11.40 -31.63 22.82
CA ILE B 552 11.56 -30.62 21.78
C ILE B 552 10.89 -29.32 22.20
N GLU B 553 9.74 -29.43 22.88
CA GLU B 553 9.09 -28.24 23.43
C GLU B 553 10.02 -27.51 24.39
N GLU B 554 10.73 -28.26 25.24
CA GLU B 554 11.63 -27.64 26.21
C GLU B 554 12.72 -26.82 25.52
N VAL B 555 13.23 -27.32 24.40
CA VAL B 555 14.41 -26.72 23.77
C VAL B 555 14.02 -25.67 22.74
N PHE B 556 13.03 -25.95 21.90
CA PHE B 556 12.72 -25.13 20.74
C PHE B 556 11.40 -24.38 20.84
N GLY B 557 10.44 -24.90 21.60
CA GLY B 557 9.16 -24.23 21.76
C GLY B 557 8.27 -24.32 20.54
N ASP B 558 7.89 -23.18 19.97
CA ASP B 558 6.97 -23.16 18.84
C ASP B 558 7.65 -23.58 17.54
N GLN B 559 8.98 -23.58 17.48
CA GLN B 559 9.74 -24.07 16.33
C GLN B 559 9.57 -23.14 15.13
N GLY B 560 9.53 -21.83 15.37
CA GLY B 560 9.41 -20.85 14.32
C GLY B 560 8.01 -20.65 13.77
N GLY B 561 7.01 -21.30 14.33
CA GLY B 561 5.65 -21.15 13.83
C GLY B 561 5.53 -21.73 12.43
N HIS B 562 4.55 -21.22 11.68
CA HIS B 562 4.29 -21.70 10.33
C HIS B 562 4.36 -20.57 9.33
#